data_4AVV
#
_entry.id   4AVV
#
_cell.length_a   154.379
_cell.length_b   108.579
_cell.length_c   120.263
_cell.angle_alpha   90.00
_cell.angle_beta   138.53
_cell.angle_gamma   90.00
#
_symmetry.space_group_name_H-M   'C 1 2 1'
#
loop_
_entity.id
_entity.type
_entity.pdbx_description
1 polymer 'SERUM AMYLOID P-COMPONENT'
2 branched 2-acetamido-2-deoxy-beta-D-glucopyranose-(1-4)-2-acetamido-2-deoxy-beta-D-glucopyranose
3 branched 'N-acetyl-alpha-neuraminic acid-(2-6)-beta-D-galactopyranose-(1-4)-2-acetamido-2-deoxy-beta-D-glucopyranose-(1-2)-alpha-D-mannopyranose-(1-3)-[N-acetyl-alpha-neuraminic acid-(2-6)-beta-D-galactopyranose-(1-4)-2-acetamido-2-deoxy-beta-D-glucopyranose-(1-2)-alpha-D-mannopyranose-(1-6)]beta-D-mannopyranose-(1-4)-2-acetamido-2-deoxy-beta-D-glucopyranose-(1-4)-2-acetamido-2-deoxy-beta-D-glucopyranose'
4 non-polymer 'ACETATE ION'
5 non-polymer '(2R)-1-[6-[(2R)-2-carboxypyrrolidin-1-yl]-6-oxidanylidene-hexanoyl]pyrrolidine-2-carboxylic acid'
6 non-polymer 'CADMIUM ION'
7 non-polymer 2-acetamido-2-deoxy-beta-D-glucopyranose
8 non-polymer 'N-acetyl-alpha-neuraminic acid'
9 water water
#
_entity_poly.entity_id   1
_entity_poly.type   'polypeptide(L)'
_entity_poly.pdbx_seq_one_letter_code
;HTDLSGKVFVFPRESVTDHVNLITPLEKPLQNFTLCFRAYSDLSRAYSLFSYNTQGRDNELLVYKERVGEYSLYIGRHKV
TSKVIEKFPAPVHICVSWESSSGIAEFWINGTPLVKKGLRQGYFVEAQPKIVLGQEQDSYGGKFDRSQSFVGEIGDLYMW
DSVLPPENILSAYQGTPLPANILDWQALNYEIRGYVIIKPLVWV
;
_entity_poly.pdbx_strand_id   A,B,C,D,E
#
loop_
_chem_comp.id
_chem_comp.type
_chem_comp.name
_chem_comp.formula
ACT non-polymer 'ACETATE ION' 'C2 H3 O2 -1'
BMA D-saccharide, beta linking beta-D-mannopyranose 'C6 H12 O6'
CD non-polymer 'CADMIUM ION' 'Cd 2'
GAL D-saccharide, beta linking beta-D-galactopyranose 'C6 H12 O6'
GHE non-polymer '(2R)-1-[6-[(2R)-2-carboxypyrrolidin-1-yl]-6-oxidanylidene-hexanoyl]pyrrolidine-2-carboxylic acid' 'C16 H24 N2 O6'
MAN D-saccharide, alpha linking alpha-D-mannopyranose 'C6 H12 O6'
NAG D-saccharide, beta linking 2-acetamido-2-deoxy-beta-D-glucopyranose 'C8 H15 N O6'
SIA D-saccharide, alpha linking 'N-acetyl-alpha-neuraminic acid' 'C11 H19 N O9'
#
# COMPACT_ATOMS: atom_id res chain seq x y z
N HIS A 1 33.17 -34.54 -4.30
CA HIS A 1 32.20 -33.43 -4.36
C HIS A 1 30.76 -33.95 -4.28
N THR A 2 29.83 -33.07 -3.92
CA THR A 2 28.45 -33.45 -3.65
C THR A 2 27.50 -32.59 -4.48
N ASP A 3 26.46 -33.21 -5.03
CA ASP A 3 25.48 -32.51 -5.82
C ASP A 3 24.31 -32.11 -4.95
N LEU A 4 24.19 -30.81 -4.66
CA LEU A 4 23.11 -30.30 -3.84
C LEU A 4 21.94 -29.73 -4.63
N SER A 5 21.85 -30.09 -5.91
CA SER A 5 20.69 -29.72 -6.70
C SER A 5 19.41 -29.99 -5.94
N GLY A 6 18.54 -28.99 -5.90
CA GLY A 6 17.22 -29.14 -5.28
C GLY A 6 17.24 -29.10 -3.77
N LYS A 7 18.39 -28.79 -3.20
CA LYS A 7 18.57 -28.79 -1.75
C LYS A 7 19.16 -27.46 -1.23
N VAL A 8 18.97 -27.20 0.06
CA VAL A 8 19.50 -26.02 0.75
C VAL A 8 20.23 -26.46 2.02
N PHE A 9 21.14 -25.61 2.51
CA PHE A 9 21.58 -25.67 3.89
C PHE A 9 20.57 -24.91 4.74
N VAL A 10 20.12 -25.54 5.83
CA VAL A 10 19.31 -24.90 6.85
C VAL A 10 20.15 -24.65 8.08
N PHE A 11 20.28 -23.37 8.43
CA PHE A 11 20.90 -22.96 9.67
C PHE A 11 19.74 -22.67 10.62
N PRO A 12 19.34 -23.68 11.42
CA PRO A 12 17.99 -23.59 12.01
C PRO A 12 17.90 -22.74 13.28
N ARG A 13 19.02 -22.22 13.76
CA ARG A 13 19.02 -21.43 15.00
C ARG A 13 20.13 -20.42 15.02
N GLU A 14 19.95 -19.39 15.84
CA GLU A 14 21.00 -18.44 16.10
C GLU A 14 22.07 -19.06 17.00
N SER A 15 23.33 -18.80 16.67
CA SER A 15 24.46 -19.34 17.42
C SER A 15 25.71 -18.56 17.05
N VAL A 16 26.80 -18.82 17.76
CA VAL A 16 28.10 -18.30 17.38
C VAL A 16 29.03 -19.44 16.92
N THR A 17 28.45 -20.60 16.63
CA THR A 17 29.23 -21.77 16.24
C THR A 17 28.78 -22.53 14.98
N ASP A 18 27.49 -22.56 14.70
CA ASP A 18 26.98 -23.30 13.55
C ASP A 18 27.45 -22.64 12.23
N HIS A 19 28.07 -23.41 11.35
CA HIS A 19 28.56 -22.87 10.09
C HIS A 19 28.91 -23.97 9.09
N VAL A 20 29.06 -23.57 7.84
CA VAL A 20 29.55 -24.45 6.79
C VAL A 20 30.81 -23.84 6.19
N ASN A 21 31.86 -24.65 6.06
CA ASN A 21 33.05 -24.23 5.34
C ASN A 21 32.92 -24.70 3.89
N LEU A 22 33.20 -23.81 2.94
CA LEU A 22 33.23 -24.17 1.54
C LEU A 22 34.67 -24.26 1.07
N ILE A 23 34.99 -25.33 0.36
CA ILE A 23 36.36 -25.62 -0.03
C ILE A 23 36.55 -25.44 -1.53
N THR A 24 37.51 -24.61 -1.89
CA THR A 24 37.86 -24.44 -3.28
C THR A 24 39.37 -24.18 -3.35
N PRO A 25 40.05 -24.90 -4.25
CA PRO A 25 41.50 -24.76 -4.40
C PRO A 25 41.84 -23.49 -5.19
N LEU A 26 41.50 -22.35 -4.60
CA LEU A 26 41.70 -21.05 -5.23
C LEU A 26 43.09 -20.55 -4.86
N GLU A 27 44.03 -20.72 -5.79
CA GLU A 27 45.44 -20.45 -5.51
C GLU A 27 45.96 -19.14 -6.12
N LYS A 28 45.20 -18.57 -7.06
CA LYS A 28 45.63 -17.33 -7.69
C LYS A 28 44.73 -16.16 -7.30
N PRO A 29 45.32 -15.00 -7.04
CA PRO A 29 44.47 -13.86 -6.66
C PRO A 29 43.42 -13.57 -7.72
N LEU A 30 42.24 -13.17 -7.25
CA LEU A 30 41.08 -12.94 -8.10
C LEU A 30 40.96 -11.48 -8.52
N GLN A 31 40.88 -11.26 -9.82
CA GLN A 31 40.66 -9.95 -10.41
C GLN A 31 39.20 -9.69 -10.79
N ASN A 32 38.46 -10.75 -11.09
CA ASN A 32 37.05 -10.64 -11.48
C ASN A 32 36.28 -11.79 -10.83
N PHE A 33 35.01 -11.57 -10.45
CA PHE A 33 34.19 -12.70 -10.04
C PHE A 33 32.72 -12.34 -10.10
N THR A 34 31.89 -13.38 -10.14
CA THR A 34 30.45 -13.24 -9.89
C THR A 34 30.07 -14.33 -8.90
N LEU A 35 29.19 -13.99 -7.95
CA LEU A 35 28.69 -14.93 -6.96
C LEU A 35 27.18 -14.82 -6.95
N CYS A 36 26.47 -15.95 -7.10
N CYS A 36 26.47 -15.94 -7.01
CA CYS A 36 24.99 -16.00 -7.06
CA CYS A 36 25.03 -15.88 -6.87
C CYS A 36 24.56 -17.03 -6.01
C CYS A 36 24.53 -17.04 -6.04
N PHE A 37 23.43 -16.79 -5.33
CA PHE A 37 22.83 -17.77 -4.44
C PHE A 37 21.42 -17.31 -4.09
N ARG A 38 20.65 -18.22 -3.50
CA ARG A 38 19.28 -17.95 -3.06
C ARG A 38 19.30 -18.05 -1.55
N ALA A 39 18.60 -17.14 -0.86
CA ALA A 39 18.53 -17.22 0.59
C ALA A 39 17.14 -16.87 1.09
N TYR A 40 16.81 -17.38 2.27
CA TYR A 40 15.50 -17.13 2.87
C TYR A 40 15.68 -17.05 4.38
N SER A 41 15.44 -15.86 4.93
CA SER A 41 15.66 -15.60 6.34
C SER A 41 14.60 -14.65 6.84
N ASP A 42 14.18 -14.74 8.09
CA ASP A 42 13.31 -13.69 8.59
C ASP A 42 13.98 -12.94 9.74
N LEU A 43 15.31 -12.91 9.72
CA LEU A 43 16.06 -11.96 10.55
C LEU A 43 15.84 -10.53 10.04
N SER A 44 15.69 -9.56 10.94
N SER A 44 15.69 -9.59 10.99
CA SER A 44 15.70 -8.14 10.53
CA SER A 44 15.65 -8.15 10.72
C SER A 44 16.99 -7.42 10.93
C SER A 44 17.01 -7.50 10.88
N ARG A 45 17.78 -8.02 11.82
CA ARG A 45 19.10 -7.49 12.13
C ARG A 45 20.03 -7.79 10.96
N ALA A 46 21.22 -7.20 10.98
CA ALA A 46 22.22 -7.43 9.94
C ALA A 46 22.76 -8.84 10.03
N TYR A 47 23.21 -9.37 8.91
CA TYR A 47 23.83 -10.69 8.90
C TYR A 47 24.72 -10.92 7.69
N SER A 48 25.72 -11.79 7.87
CA SER A 48 26.58 -12.17 6.78
C SER A 48 25.98 -13.29 5.92
N LEU A 49 26.00 -13.10 4.62
CA LEU A 49 25.56 -14.11 3.67
C LEU A 49 26.72 -14.97 3.15
N PHE A 50 27.89 -14.36 2.94
CA PHE A 50 29.03 -15.08 2.34
C PHE A 50 30.29 -14.40 2.84
N SER A 51 31.11 -15.15 3.58
CA SER A 51 32.27 -14.58 4.27
C SER A 51 33.55 -15.24 3.75
N TYR A 52 34.45 -14.45 3.17
CA TYR A 52 35.69 -14.94 2.52
C TYR A 52 36.82 -14.12 3.12
N ASN A 53 37.62 -14.80 3.96
CA ASN A 53 38.77 -14.16 4.59
C ASN A 53 40.04 -14.86 4.15
N THR A 54 41.12 -14.11 4.14
CA THR A 54 42.43 -14.72 3.87
C THR A 54 43.36 -14.41 5.05
N GLN A 55 44.55 -15.00 5.08
CA GLN A 55 45.40 -14.81 6.26
C GLN A 55 45.74 -13.34 6.45
N GLY A 56 45.43 -12.87 7.67
CA GLY A 56 45.64 -11.50 8.08
C GLY A 56 44.70 -10.49 7.43
N ARG A 57 43.70 -10.97 6.69
CA ARG A 57 42.80 -10.08 5.97
C ARG A 57 41.32 -10.39 6.21
N ASP A 58 40.74 -9.61 7.12
CA ASP A 58 39.31 -9.69 7.44
C ASP A 58 38.49 -9.00 6.34
N ASN A 59 37.35 -9.59 6.02
CA ASN A 59 36.41 -9.01 5.05
C ASN A 59 37.06 -8.83 3.68
N GLU A 60 37.84 -9.82 3.30
CA GLU A 60 38.51 -9.78 2.02
C GLU A 60 37.51 -9.85 0.84
N LEU A 61 36.46 -10.67 1.00
CA LEU A 61 35.30 -10.66 0.09
C LEU A 61 34.10 -11.02 0.97
N LEU A 62 33.19 -10.07 1.19
CA LEU A 62 32.07 -10.32 2.09
C LEU A 62 30.78 -9.74 1.53
N VAL A 63 29.72 -10.55 1.53
CA VAL A 63 28.40 -10.10 1.17
C VAL A 63 27.57 -10.06 2.46
N TYR A 64 27.12 -8.86 2.82
CA TYR A 64 26.54 -8.60 4.14
C TYR A 64 25.23 -7.86 3.96
N LYS A 65 24.16 -8.35 4.58
CA LYS A 65 22.88 -7.67 4.53
C LYS A 65 22.77 -6.73 5.75
N GLU A 66 22.67 -5.44 5.49
CA GLU A 66 22.68 -4.43 6.55
C GLU A 66 21.32 -4.36 7.29
N ARG A 67 20.27 -4.49 6.51
CA ARG A 67 18.89 -4.31 6.96
C ARG A 67 18.02 -4.58 5.74
N VAL A 68 16.71 -4.68 5.93
CA VAL A 68 15.84 -4.93 4.81
C VAL A 68 16.11 -3.89 3.71
N GLY A 69 16.28 -4.36 2.48
CA GLY A 69 16.48 -3.47 1.35
C GLY A 69 17.89 -2.91 1.15
N GLU A 70 18.88 -3.40 1.89
CA GLU A 70 20.21 -2.81 1.81
C GLU A 70 21.29 -3.89 1.88
N TYR A 71 22.08 -3.98 0.82
CA TYR A 71 23.11 -4.98 0.69
C TYR A 71 24.49 -4.36 0.51
N SER A 72 25.49 -4.93 1.19
CA SER A 72 26.85 -4.45 1.09
C SER A 72 27.80 -5.51 0.56
N LEU A 73 28.76 -5.05 -0.24
CA LEU A 73 29.90 -5.88 -0.65
C LEU A 73 31.17 -5.27 -0.08
N TYR A 74 32.00 -6.09 0.55
CA TYR A 74 33.34 -5.69 0.94
C TYR A 74 34.33 -6.37 0.01
N ILE A 75 35.31 -5.60 -0.44
CA ILE A 75 36.46 -6.10 -1.21
C ILE A 75 37.70 -5.56 -0.49
N GLY A 76 38.55 -6.46 -0.01
CA GLY A 76 39.71 -6.04 0.75
C GLY A 76 39.38 -5.06 1.86
N ARG A 77 38.32 -5.38 2.60
N ARG A 77 38.33 -5.38 2.62
CA ARG A 77 37.91 -4.61 3.79
CA ARG A 77 37.91 -4.63 3.80
C ARG A 77 37.25 -3.26 3.51
C ARG A 77 37.24 -3.26 3.51
N HIS A 78 37.19 -2.85 2.25
CA HIS A 78 36.47 -1.65 1.85
C HIS A 78 35.07 -2.03 1.39
N LYS A 79 34.10 -1.14 1.59
CA LYS A 79 32.69 -1.46 1.45
C LYS A 79 31.96 -0.55 0.46
N VAL A 80 31.06 -1.14 -0.32
CA VAL A 80 30.01 -0.41 -1.00
C VAL A 80 28.64 -0.99 -0.58
N THR A 81 27.60 -0.17 -0.74
CA THR A 81 26.27 -0.56 -0.32
C THR A 81 25.27 -0.06 -1.35
N SER A 82 24.29 -0.90 -1.71
CA SER A 82 23.21 -0.47 -2.58
C SER A 82 21.85 -0.91 -2.05
N LYS A 83 20.82 -0.16 -2.46
CA LYS A 83 19.49 -0.34 -1.91
C LYS A 83 18.51 -0.92 -2.94
N VAL A 84 17.44 -1.54 -2.44
CA VAL A 84 16.42 -2.13 -3.31
C VAL A 84 15.10 -2.19 -2.56
N ILE A 85 14.01 -2.10 -3.31
CA ILE A 85 12.68 -2.33 -2.74
C ILE A 85 12.51 -3.83 -2.63
N GLU A 86 12.17 -4.32 -1.44
CA GLU A 86 11.90 -5.74 -1.28
C GLU A 86 10.88 -5.98 -0.17
N LYS A 87 10.25 -7.14 -0.21
CA LYS A 87 9.29 -7.51 0.81
C LYS A 87 10.02 -8.17 1.96
N PHE A 88 9.35 -8.27 3.08
CA PHE A 88 9.96 -8.90 4.24
C PHE A 88 8.90 -9.59 5.08
N PRO A 89 9.11 -10.88 5.40
CA PRO A 89 10.18 -11.76 4.90
C PRO A 89 9.85 -12.25 3.51
N ALA A 90 10.90 -12.56 2.75
CA ALA A 90 10.71 -13.14 1.43
C ALA A 90 11.99 -13.81 0.96
N PRO A 91 11.85 -14.91 0.22
CA PRO A 91 13.04 -15.44 -0.43
C PRO A 91 13.66 -14.41 -1.36
N VAL A 92 14.96 -14.52 -1.54
CA VAL A 92 15.71 -13.61 -2.40
C VAL A 92 16.72 -14.37 -3.22
N HIS A 93 16.88 -13.94 -4.45
CA HIS A 93 17.98 -14.40 -5.26
C HIS A 93 18.96 -13.24 -5.41
N ILE A 94 20.21 -13.50 -5.07
CA ILE A 94 21.23 -12.47 -5.03
C ILE A 94 22.39 -12.86 -5.95
N CYS A 95 22.75 -11.96 -6.86
N CYS A 95 22.81 -11.89 -6.75
CA CYS A 95 24.03 -12.07 -7.59
CA CYS A 95 24.00 -12.04 -7.56
C CYS A 95 24.82 -10.81 -7.29
C CYS A 95 24.83 -10.78 -7.44
N VAL A 96 26.12 -10.95 -7.17
CA VAL A 96 27.00 -9.80 -7.11
C VAL A 96 28.27 -10.10 -7.91
N SER A 97 28.73 -9.11 -8.67
CA SER A 97 29.96 -9.25 -9.43
C SER A 97 30.86 -8.07 -9.12
N TRP A 98 32.16 -8.27 -9.30
CA TRP A 98 33.12 -7.17 -9.15
C TRP A 98 34.28 -7.40 -10.11
N GLU A 99 34.82 -6.29 -10.60
CA GLU A 99 35.84 -6.26 -11.64
C GLU A 99 36.94 -5.31 -11.19
N SER A 100 38.16 -5.82 -11.02
CA SER A 100 39.29 -4.99 -10.62
C SER A 100 39.56 -3.83 -11.59
N SER A 101 39.43 -4.09 -12.89
CA SER A 101 39.87 -3.12 -13.89
C SER A 101 39.18 -1.78 -13.72
N SER A 102 37.89 -1.82 -13.41
CA SER A 102 37.06 -0.62 -13.28
C SER A 102 36.68 -0.36 -11.83
N GLY A 103 36.81 -1.39 -10.99
CA GLY A 103 36.31 -1.38 -9.63
C GLY A 103 34.82 -1.56 -9.46
N ILE A 104 34.11 -1.76 -10.56
CA ILE A 104 32.64 -1.76 -10.51
C ILE A 104 32.10 -3.03 -9.85
N ALA A 105 31.19 -2.80 -8.93
CA ALA A 105 30.44 -3.82 -8.22
C ALA A 105 28.97 -3.71 -8.66
N GLU A 106 28.36 -4.83 -9.01
N GLU A 106 28.43 -4.84 -9.10
CA GLU A 106 26.97 -4.82 -9.46
CA GLU A 106 27.03 -4.97 -9.48
C GLU A 106 26.16 -5.90 -8.76
C GLU A 106 26.33 -5.92 -8.50
N PHE A 107 25.23 -5.47 -7.89
CA PHE A 107 24.27 -6.37 -7.24
C PHE A 107 23.06 -6.52 -8.14
N TRP A 108 22.54 -7.74 -8.20
CA TRP A 108 21.25 -8.05 -8.81
C TRP A 108 20.42 -8.79 -7.79
N ILE A 109 19.22 -8.27 -7.55
CA ILE A 109 18.34 -8.79 -6.53
C ILE A 109 17.04 -9.23 -7.24
N ASN A 110 16.72 -10.52 -7.14
CA ASN A 110 15.60 -11.08 -7.89
C ASN A 110 15.61 -10.68 -9.34
N GLY A 111 16.78 -10.72 -9.96
CA GLY A 111 16.91 -10.46 -11.38
C GLY A 111 16.92 -9.02 -11.79
N THR A 112 16.88 -8.12 -10.80
N THR A 112 16.83 -8.11 -10.84
CA THR A 112 16.82 -6.67 -11.02
CA THR A 112 16.83 -6.68 -11.17
C THR A 112 18.16 -6.05 -10.66
C THR A 112 18.11 -6.03 -10.69
N PRO A 113 18.75 -5.26 -11.57
CA PRO A 113 20.03 -4.62 -11.27
C PRO A 113 19.87 -3.48 -10.28
N LEU A 114 20.70 -3.47 -9.25
CA LEU A 114 20.80 -2.33 -8.36
C LEU A 114 21.73 -1.30 -8.99
N VAL A 115 21.77 -0.10 -8.43
CA VAL A 115 22.69 0.91 -8.90
C VAL A 115 24.14 0.43 -8.72
N LYS A 116 24.96 0.52 -9.77
CA LYS A 116 26.37 0.16 -9.68
C LYS A 116 27.12 1.05 -8.70
N LYS A 117 28.06 0.46 -7.98
CA LYS A 117 28.99 1.18 -7.15
C LYS A 117 30.40 0.74 -7.54
N GLY A 118 31.42 1.35 -6.95
CA GLY A 118 32.78 1.03 -7.31
C GLY A 118 33.73 1.22 -6.16
N LEU A 119 34.70 0.32 -6.12
CA LEU A 119 35.72 0.28 -5.08
C LEU A 119 36.90 -0.57 -5.53
N ARG A 120 38.05 -0.29 -4.94
CA ARG A 120 39.21 -1.19 -5.10
C ARG A 120 39.66 -1.39 -6.55
N GLN A 121 39.55 -0.34 -7.37
CA GLN A 121 40.07 -0.39 -8.72
C GLN A 121 41.55 -0.76 -8.67
N GLY A 122 41.92 -1.78 -9.46
CA GLY A 122 43.30 -2.23 -9.54
C GLY A 122 43.72 -3.26 -8.50
N TYR A 123 42.88 -3.47 -7.48
CA TYR A 123 43.15 -4.40 -6.41
C TYR A 123 42.98 -5.86 -6.85
N PHE A 124 43.65 -6.78 -6.16
CA PHE A 124 43.45 -8.21 -6.36
C PHE A 124 42.94 -8.82 -5.07
N VAL A 125 41.80 -9.49 -5.12
CA VAL A 125 41.32 -10.25 -3.98
C VAL A 125 42.31 -11.39 -3.71
N GLU A 126 42.82 -11.46 -2.48
CA GLU A 126 43.80 -12.49 -2.12
C GLU A 126 43.31 -13.93 -2.22
N ALA A 127 44.26 -14.83 -2.47
CA ALA A 127 43.94 -16.24 -2.68
C ALA A 127 44.03 -17.01 -1.37
N GLN A 128 43.77 -18.31 -1.47
CA GLN A 128 43.82 -19.23 -0.34
C GLN A 128 42.86 -18.77 0.75
N PRO A 129 41.59 -18.59 0.39
CA PRO A 129 40.60 -18.17 1.39
C PRO A 129 40.08 -19.29 2.28
N LYS A 130 39.54 -18.88 3.43
CA LYS A 130 38.56 -19.67 4.15
C LYS A 130 37.22 -19.02 3.82
N ILE A 131 36.26 -19.84 3.41
CA ILE A 131 34.95 -19.35 3.00
C ILE A 131 33.91 -19.99 3.91
N VAL A 132 33.08 -19.16 4.54
CA VAL A 132 32.13 -19.60 5.53
C VAL A 132 30.72 -19.10 5.21
N LEU A 133 29.76 -20.01 5.34
CA LEU A 133 28.35 -19.68 5.39
C LEU A 133 27.83 -19.87 6.80
N GLY A 134 26.89 -19.03 7.21
CA GLY A 134 26.29 -19.13 8.53
C GLY A 134 26.86 -18.22 9.61
N GLN A 135 28.12 -17.82 9.44
CA GLN A 135 28.80 -16.92 10.37
C GLN A 135 29.68 -15.96 9.58
N GLU A 136 29.99 -14.83 10.21
CA GLU A 136 30.88 -13.84 9.65
C GLU A 136 32.26 -14.04 10.31
N GLN A 137 33.29 -14.26 9.51
CA GLN A 137 34.63 -14.44 10.07
C GLN A 137 35.26 -13.12 10.37
N ASP A 138 35.92 -13.00 11.54
CA ASP A 138 36.88 -11.91 11.76
C ASP A 138 38.33 -12.38 11.68
N SER A 139 38.54 -13.69 11.76
CA SER A 139 39.87 -14.27 11.61
C SER A 139 39.96 -15.16 10.37
N TYR A 140 41.08 -15.89 10.24
CA TYR A 140 41.23 -16.84 9.15
C TYR A 140 40.54 -18.15 9.54
N GLY A 141 39.22 -18.19 9.34
CA GLY A 141 38.42 -19.36 9.63
C GLY A 141 37.51 -19.27 10.84
N GLY A 142 37.62 -18.19 11.62
CA GLY A 142 36.90 -18.08 12.86
C GLY A 142 36.62 -16.68 13.36
N LYS A 143 36.59 -16.56 14.69
CA LYS A 143 36.21 -15.34 15.42
C LYS A 143 34.87 -14.80 14.92
N PHE A 144 33.84 -15.59 15.19
CA PHE A 144 32.45 -15.30 14.81
C PHE A 144 31.77 -14.33 15.79
N ASP A 145 30.56 -13.89 15.42
CA ASP A 145 29.81 -12.88 16.16
C ASP A 145 28.34 -13.26 16.02
N ARG A 146 27.73 -13.59 17.13
CA ARG A 146 26.36 -14.09 17.12
C ARG A 146 25.40 -13.15 16.40
N SER A 147 25.62 -11.85 16.57
CA SER A 147 24.73 -10.85 15.99
C SER A 147 24.94 -10.64 14.49
N GLN A 148 25.90 -11.38 13.89
CA GLN A 148 26.08 -11.40 12.45
C GLN A 148 25.77 -12.76 11.84
N SER A 149 25.34 -13.71 12.68
CA SER A 149 25.08 -15.06 12.21
C SER A 149 23.87 -15.10 11.27
N PHE A 150 23.91 -16.03 10.31
CA PHE A 150 22.80 -16.21 9.37
C PHE A 150 21.91 -17.36 9.85
N VAL A 151 20.64 -17.05 10.04
CA VAL A 151 19.64 -18.03 10.47
C VAL A 151 18.66 -18.10 9.32
N GLY A 152 18.49 -19.28 8.74
CA GLY A 152 17.64 -19.39 7.58
C GLY A 152 18.20 -20.41 6.62
N GLU A 153 17.84 -20.27 5.36
CA GLU A 153 18.16 -21.25 4.34
C GLU A 153 18.95 -20.60 3.20
N ILE A 154 19.96 -21.31 2.72
CA ILE A 154 20.77 -20.85 1.58
C ILE A 154 20.94 -21.99 0.59
N GLY A 155 20.79 -21.69 -0.67
CA GLY A 155 20.95 -22.69 -1.73
C GLY A 155 21.40 -22.12 -3.04
N ASP A 156 21.56 -23.00 -4.02
CA ASP A 156 21.88 -22.61 -5.39
C ASP A 156 23.04 -21.62 -5.47
N LEU A 157 24.14 -21.95 -4.78
CA LEU A 157 25.31 -21.10 -4.73
C LEU A 157 26.35 -21.48 -5.81
N TYR A 158 26.74 -20.46 -6.56
CA TYR A 158 27.69 -20.59 -7.67
C TYR A 158 28.62 -19.40 -7.65
N MET A 159 29.90 -19.62 -7.95
CA MET A 159 30.85 -18.54 -8.04
C MET A 159 31.73 -18.79 -9.26
N TRP A 160 31.83 -17.76 -10.10
CA TRP A 160 32.56 -17.78 -11.37
C TRP A 160 33.75 -16.83 -11.28
N ASP A 161 34.85 -17.12 -11.99
CA ASP A 161 35.98 -16.19 -12.01
C ASP A 161 35.88 -15.14 -13.13
N SER A 162 34.67 -14.69 -13.44
CA SER A 162 34.47 -13.64 -14.42
C SER A 162 33.23 -12.85 -14.05
N VAL A 163 33.05 -11.70 -14.68
CA VAL A 163 31.84 -10.91 -14.53
C VAL A 163 30.77 -11.38 -15.53
N LEU A 164 29.69 -11.95 -15.01
CA LEU A 164 28.62 -12.46 -15.86
C LEU A 164 27.81 -11.32 -16.45
N PRO A 165 27.49 -11.40 -17.75
CA PRO A 165 26.56 -10.46 -18.38
C PRO A 165 25.12 -10.70 -17.95
N PRO A 166 24.25 -9.72 -18.19
CA PRO A 166 22.89 -9.79 -17.68
C PRO A 166 22.17 -11.08 -18.01
N GLU A 167 22.28 -11.58 -19.24
CA GLU A 167 21.46 -12.76 -19.57
C GLU A 167 21.85 -13.96 -18.71
N ASN A 168 23.12 -14.02 -18.29
CA ASN A 168 23.58 -15.11 -17.44
C ASN A 168 23.01 -14.99 -16.02
N ILE A 169 22.85 -13.75 -15.58
N ILE A 169 22.76 -13.76 -15.60
CA ILE A 169 22.28 -13.48 -14.26
CA ILE A 169 22.14 -13.49 -14.32
C ILE A 169 20.85 -13.99 -14.23
C ILE A 169 20.65 -13.89 -14.34
N LEU A 170 20.08 -13.64 -15.25
N LEU A 170 19.95 -13.55 -15.42
CA LEU A 170 18.70 -14.06 -15.38
CA LEU A 170 18.59 -14.06 -15.59
C LEU A 170 18.59 -15.58 -15.52
C LEU A 170 18.62 -15.58 -15.50
N SER A 171 19.56 -16.20 -16.20
CA SER A 171 19.64 -17.66 -16.21
C SER A 171 19.79 -18.24 -14.81
N ALA A 172 20.66 -17.68 -13.98
CA ALA A 172 20.74 -18.13 -12.60
C ALA A 172 19.43 -17.89 -11.82
N TYR A 173 18.89 -16.68 -11.94
CA TYR A 173 17.69 -16.29 -11.19
C TYR A 173 16.55 -17.27 -11.44
N GLN A 174 16.38 -17.69 -12.69
CA GLN A 174 15.26 -18.58 -13.03
C GLN A 174 15.52 -20.04 -12.74
N GLY A 175 16.66 -20.36 -12.14
CA GLY A 175 16.94 -21.71 -11.71
C GLY A 175 17.79 -22.55 -12.66
N THR A 176 18.44 -21.87 -13.60
CA THR A 176 19.25 -22.54 -14.61
C THR A 176 20.60 -21.84 -14.77
N PRO A 177 21.41 -21.85 -13.70
CA PRO A 177 22.71 -21.22 -13.74
C PRO A 177 23.69 -21.88 -14.69
N LEU A 178 24.57 -21.07 -15.26
CA LEU A 178 25.68 -21.56 -16.05
C LEU A 178 26.68 -22.31 -15.17
N PRO A 179 27.36 -23.32 -15.73
CA PRO A 179 28.43 -23.99 -14.99
C PRO A 179 29.45 -23.00 -14.42
N ALA A 180 29.90 -23.22 -13.18
CA ALA A 180 30.81 -22.29 -12.49
C ALA A 180 32.10 -22.95 -12.03
N ASN A 181 33.21 -22.22 -12.15
CA ASN A 181 34.53 -22.80 -11.94
C ASN A 181 35.22 -22.52 -10.62
N ILE A 182 34.63 -21.70 -9.74
CA ILE A 182 35.18 -21.52 -8.40
C ILE A 182 34.38 -22.27 -7.36
N LEU A 183 33.06 -22.07 -7.37
CA LEU A 183 32.15 -22.84 -6.52
C LEU A 183 30.95 -23.23 -7.36
N ASP A 184 30.50 -24.47 -7.22
CA ASP A 184 29.35 -24.95 -7.97
C ASP A 184 28.50 -25.88 -7.09
N TRP A 185 27.24 -25.49 -6.91
CA TRP A 185 26.29 -26.19 -6.05
C TRP A 185 26.10 -27.66 -6.44
N GLN A 186 26.31 -27.98 -7.72
CA GLN A 186 26.14 -29.35 -8.19
C GLN A 186 27.37 -30.23 -8.00
N ALA A 187 28.46 -29.62 -7.54
CA ALA A 187 29.69 -30.35 -7.25
C ALA A 187 30.44 -29.57 -6.18
N LEU A 188 29.86 -29.57 -4.98
CA LEU A 188 30.33 -28.75 -3.90
C LEU A 188 31.13 -29.57 -2.91
N ASN A 189 32.25 -29.01 -2.48
CA ASN A 189 33.01 -29.59 -1.38
C ASN A 189 32.83 -28.68 -0.16
N TYR A 190 32.25 -29.24 0.89
CA TYR A 190 31.89 -28.47 2.07
C TYR A 190 32.12 -29.28 3.33
N GLU A 191 32.13 -28.57 4.46
CA GLU A 191 32.21 -29.19 5.78
C GLU A 191 31.17 -28.55 6.66
N ILE A 192 30.25 -29.36 7.19
CA ILE A 192 29.28 -28.89 8.17
C ILE A 192 29.89 -28.91 9.55
N ARG A 193 29.79 -27.81 10.26
CA ARG A 193 30.22 -27.72 11.65
C ARG A 193 29.05 -27.24 12.50
N GLY A 194 28.66 -28.03 13.48
CA GLY A 194 27.53 -27.68 14.32
C GLY A 194 26.20 -28.05 13.71
N TYR A 195 25.17 -27.29 14.07
CA TYR A 195 23.80 -27.59 13.67
C TYR A 195 23.46 -26.95 12.33
N VAL A 196 23.69 -27.68 11.25
CA VAL A 196 23.29 -27.29 9.92
C VAL A 196 22.69 -28.55 9.29
N ILE A 197 21.51 -28.43 8.71
CA ILE A 197 20.79 -29.55 8.14
C ILE A 197 20.55 -29.32 6.65
N ILE A 198 20.80 -30.36 5.85
CA ILE A 198 20.48 -30.30 4.43
C ILE A 198 19.04 -30.77 4.19
N LYS A 199 18.26 -29.91 3.52
CA LYS A 199 16.86 -30.20 3.23
C LYS A 199 16.51 -29.87 1.78
N PRO A 200 15.46 -30.49 1.25
CA PRO A 200 14.97 -30.02 -0.05
C PRO A 200 14.57 -28.54 -0.06
N LEU A 201 14.80 -27.88 -1.18
CA LEU A 201 14.37 -26.51 -1.43
C LEU A 201 12.89 -26.52 -1.76
N VAL A 202 12.06 -25.90 -0.91
CA VAL A 202 10.61 -25.92 -1.14
C VAL A 202 10.02 -24.55 -1.43
N TRP A 203 10.84 -23.50 -1.40
CA TRP A 203 10.35 -22.13 -1.53
C TRP A 203 10.65 -21.46 -2.87
N VAL A 204 11.09 -22.25 -3.84
CA VAL A 204 11.14 -21.79 -5.22
C VAL A 204 9.96 -22.33 -6.01
N HIS B 1 33.37 13.37 -31.88
CA HIS B 1 32.18 12.94 -31.08
C HIS B 1 32.03 11.43 -30.96
N THR B 2 31.35 11.01 -29.89
CA THR B 2 31.25 9.61 -29.53
C THR B 2 29.80 9.18 -29.45
N ASP B 3 29.52 7.96 -29.91
CA ASP B 3 28.18 7.41 -29.84
C ASP B 3 28.06 6.56 -28.59
N LEU B 4 27.35 7.06 -27.58
CA LEU B 4 27.13 6.30 -26.35
C LEU B 4 25.83 5.51 -26.31
N SER B 5 25.22 5.26 -27.47
CA SER B 5 24.07 4.36 -27.53
C SER B 5 24.29 3.11 -26.70
N GLY B 6 23.32 2.80 -25.83
CA GLY B 6 23.34 1.60 -25.04
C GLY B 6 24.31 1.63 -23.86
N LYS B 7 24.86 2.81 -23.56
CA LYS B 7 25.83 2.97 -22.49
C LYS B 7 25.43 4.10 -21.55
N VAL B 8 26.00 4.03 -20.34
CA VAL B 8 25.80 5.04 -19.31
C VAL B 8 27.13 5.48 -18.75
N PHE B 9 27.14 6.69 -18.17
CA PHE B 9 28.20 7.09 -17.25
C PHE B 9 27.84 6.54 -15.86
N VAL B 10 28.79 5.85 -15.22
CA VAL B 10 28.66 5.43 -13.82
C VAL B 10 29.57 6.27 -12.96
N PHE B 11 28.94 6.97 -12.02
CA PHE B 11 29.64 7.72 -11.00
C PHE B 11 29.57 6.82 -9.78
N PRO B 12 30.61 6.00 -9.55
CA PRO B 12 30.46 4.88 -8.62
C PRO B 12 30.62 5.19 -7.14
N ARG B 13 30.96 6.43 -6.80
CA ARG B 13 31.19 6.77 -5.41
C ARG B 13 30.90 8.24 -5.18
N GLU B 14 30.64 8.58 -3.92
CA GLU B 14 30.50 9.96 -3.52
C GLU B 14 31.87 10.58 -3.43
N SER B 15 31.95 11.82 -3.90
CA SER B 15 33.20 12.58 -3.92
C SER B 15 32.88 14.02 -4.19
N VAL B 16 33.89 14.87 -4.11
CA VAL B 16 33.74 16.27 -4.50
C VAL B 16 34.56 16.58 -5.76
N THR B 17 35.01 15.53 -6.44
CA THR B 17 35.87 15.69 -7.61
C THR B 17 35.45 14.92 -8.87
N ASP B 18 34.82 13.76 -8.72
CA ASP B 18 34.47 12.98 -9.89
C ASP B 18 33.39 13.67 -10.71
N HIS B 19 33.62 13.86 -12.01
CA HIS B 19 32.63 14.51 -12.85
C HIS B 19 32.88 14.28 -14.33
N VAL B 20 31.88 14.60 -15.14
CA VAL B 20 32.00 14.63 -16.59
C VAL B 20 31.65 16.04 -17.09
N ASN B 21 32.50 16.58 -17.95
CA ASN B 21 32.19 17.80 -18.68
C ASN B 21 31.54 17.48 -20.02
N LEU B 22 30.45 18.16 -20.35
CA LEU B 22 29.79 18.02 -21.65
C LEU B 22 30.07 19.27 -22.47
N ILE B 23 30.54 19.06 -23.70
CA ILE B 23 30.95 20.17 -24.54
C ILE B 23 29.92 20.43 -25.62
N THR B 24 29.48 21.68 -25.74
CA THR B 24 28.55 22.07 -26.76
C THR B 24 29.04 23.39 -27.39
N PRO B 25 28.80 23.58 -28.69
CA PRO B 25 29.16 24.80 -29.39
C PRO B 25 27.99 25.79 -29.34
N LEU B 26 27.62 26.21 -28.13
CA LEU B 26 26.47 27.08 -27.93
C LEU B 26 26.96 28.50 -27.73
N GLU B 27 26.65 29.36 -28.70
CA GLU B 27 27.12 30.75 -28.67
C GLU B 27 25.99 31.76 -28.54
N LYS B 28 24.77 31.37 -28.88
CA LYS B 28 23.64 32.29 -28.80
C LYS B 28 22.79 32.02 -27.56
N PRO B 29 22.33 33.06 -26.87
CA PRO B 29 21.48 32.82 -25.69
C PRO B 29 20.28 31.98 -26.05
N LEU B 30 19.90 31.07 -25.16
CA LEU B 30 18.78 30.15 -25.37
C LEU B 30 17.47 30.76 -24.95
N GLN B 31 16.51 30.79 -25.87
CA GLN B 31 15.15 31.22 -25.60
C GLN B 31 14.23 30.10 -25.12
N ASN B 32 14.44 28.89 -25.67
CA ASN B 32 13.58 27.72 -25.47
C ASN B 32 14.51 26.50 -25.41
N PHE B 33 14.20 25.48 -24.61
CA PHE B 33 14.98 24.24 -24.69
C PHE B 33 14.17 23.09 -24.14
N THR B 34 14.58 21.87 -24.51
CA THR B 34 14.10 20.63 -23.88
C THR B 34 15.34 19.79 -23.57
N LEU B 35 15.34 19.20 -22.38
CA LEU B 35 16.43 18.35 -21.93
C LEU B 35 15.85 17.06 -21.40
N CYS B 36 16.32 15.92 -21.91
N CYS B 36 16.35 15.93 -21.84
CA CYS B 36 15.86 14.58 -21.51
CA CYS B 36 15.92 14.68 -21.25
C CYS B 36 17.09 13.74 -21.14
C CYS B 36 17.08 13.74 -21.12
N PHE B 37 16.93 12.82 -20.17
CA PHE B 37 17.97 11.86 -19.84
C PHE B 37 17.36 10.79 -18.92
N ARG B 38 18.09 9.68 -18.75
CA ARG B 38 17.70 8.64 -17.83
C ARG B 38 18.70 8.62 -16.69
N ALA B 39 18.22 8.39 -15.48
CA ALA B 39 19.11 8.33 -14.33
C ALA B 39 18.71 7.23 -13.37
N TYR B 40 19.68 6.71 -12.63
CA TYR B 40 19.43 5.69 -11.64
C TYR B 40 20.39 5.89 -10.44
N SER B 41 19.81 6.21 -9.29
CA SER B 41 20.58 6.51 -8.08
C SER B 41 19.81 6.04 -6.86
N ASP B 42 20.53 5.59 -5.84
CA ASP B 42 19.89 5.25 -4.59
C ASP B 42 20.23 6.24 -3.46
N LEU B 43 20.66 7.45 -3.85
CA LEU B 43 20.78 8.55 -2.90
C LEU B 43 19.41 9.03 -2.45
N SER B 44 19.25 9.37 -1.18
N SER B 44 19.29 9.31 -1.15
CA SER B 44 18.00 10.00 -0.73
CA SER B 44 18.09 9.92 -0.56
C SER B 44 18.21 11.47 -0.35
C SER B 44 18.23 11.44 -0.47
N ARG B 45 19.45 11.89 -0.17
CA ARG B 45 19.75 13.31 -0.04
C ARG B 45 19.56 14.01 -1.39
N ALA B 46 19.60 15.34 -1.38
CA ALA B 46 19.47 16.11 -2.62
C ALA B 46 20.73 15.91 -3.48
N TYR B 47 20.56 16.07 -4.78
CA TYR B 47 21.69 16.02 -5.70
C TYR B 47 21.41 16.69 -7.05
N SER B 48 22.48 17.14 -7.68
CA SER B 48 22.39 17.72 -9.00
C SER B 48 22.38 16.65 -10.09
N LEU B 49 21.42 16.74 -11.01
CA LEU B 49 21.39 15.87 -12.18
C LEU B 49 22.11 16.48 -13.39
N PHE B 50 21.97 17.80 -13.58
CA PHE B 50 22.50 18.51 -14.77
C PHE B 50 22.78 19.94 -14.37
N SER B 51 24.06 20.31 -14.43
CA SER B 51 24.54 21.61 -13.93
C SER B 51 25.13 22.43 -15.08
N TYR B 52 24.51 23.56 -15.39
CA TYR B 52 24.92 24.43 -16.50
C TYR B 52 25.12 25.83 -15.92
N ASN B 53 26.38 26.26 -15.91
CA ASN B 53 26.76 27.57 -15.36
C ASN B 53 27.44 28.36 -16.47
N THR B 54 27.31 29.67 -16.42
CA THR B 54 28.04 30.52 -17.35
C THR B 54 28.89 31.47 -16.53
N GLN B 55 29.77 32.23 -17.18
CA GLN B 55 30.68 33.09 -16.43
C GLN B 55 29.96 34.08 -15.55
N GLY B 56 30.24 34.00 -14.25
CA GLY B 56 29.62 34.86 -13.26
C GLY B 56 28.19 34.53 -12.91
N ARG B 57 27.66 33.42 -13.45
CA ARG B 57 26.27 33.04 -13.23
C ARG B 57 26.09 31.59 -12.76
N ASP B 58 25.85 31.44 -11.47
CA ASP B 58 25.62 30.14 -10.86
C ASP B 58 24.19 29.72 -11.13
N ASN B 59 24.00 28.43 -11.37
CA ASN B 59 22.65 27.88 -11.50
C ASN B 59 21.92 28.54 -12.66
N GLU B 60 22.66 28.73 -13.76
CA GLU B 60 22.06 29.37 -14.93
C GLU B 60 21.01 28.46 -15.57
N LEU B 61 21.27 27.15 -15.57
CA LEU B 61 20.28 26.14 -15.95
C LEU B 61 20.64 24.89 -15.13
N LEU B 62 19.80 24.53 -14.16
CA LEU B 62 20.16 23.45 -13.25
C LEU B 62 18.95 22.58 -12.99
N VAL B 63 19.12 21.26 -13.12
CA VAL B 63 18.07 20.30 -12.77
C VAL B 63 18.56 19.60 -11.50
N TYR B 64 17.80 19.75 -10.43
CA TYR B 64 18.22 19.38 -9.08
C TYR B 64 17.14 18.55 -8.43
N LYS B 65 17.51 17.41 -7.88
CA LYS B 65 16.53 16.55 -7.21
C LYS B 65 16.57 16.89 -5.74
N GLU B 66 15.47 17.41 -5.22
CA GLU B 66 15.44 17.89 -3.82
C GLU B 66 15.37 16.76 -2.77
N ARG B 67 14.61 15.74 -3.12
CA ARG B 67 14.26 14.61 -2.28
C ARG B 67 13.40 13.69 -3.14
N VAL B 68 13.10 12.49 -2.67
CA VAL B 68 12.25 11.59 -3.45
C VAL B 68 10.95 12.34 -3.78
N GLY B 69 10.56 12.28 -5.05
CA GLY B 69 9.33 12.86 -5.54
C GLY B 69 9.33 14.35 -5.77
N GLU B 70 10.49 15.00 -5.77
CA GLU B 70 10.51 16.47 -5.89
C GLU B 70 11.68 16.93 -6.75
N TYR B 71 11.35 17.57 -7.86
CA TYR B 71 12.35 18.02 -8.82
C TYR B 71 12.31 19.52 -8.98
N SER B 72 13.48 20.13 -9.07
CA SER B 72 13.59 21.56 -9.28
C SER B 72 14.35 21.90 -10.55
N LEU B 73 13.92 23.00 -11.19
CA LEU B 73 14.62 23.60 -12.30
C LEU B 73 14.99 25.01 -11.90
N TYR B 74 16.26 25.33 -12.05
CA TYR B 74 16.72 26.72 -11.98
C TYR B 74 16.96 27.28 -13.38
N ILE B 75 16.49 28.51 -13.60
CA ILE B 75 16.79 29.32 -14.78
C ILE B 75 17.32 30.66 -14.26
N GLY B 76 18.54 31.00 -14.64
CA GLY B 76 19.17 32.24 -14.18
C GLY B 76 19.11 32.42 -12.67
N ARG B 77 19.33 31.34 -11.93
CA ARG B 77 19.37 31.33 -10.48
C ARG B 77 18.03 31.45 -9.76
N HIS B 78 16.93 31.55 -10.51
CA HIS B 78 15.60 31.43 -9.92
C HIS B 78 15.14 29.98 -10.06
N LYS B 79 14.31 29.53 -9.13
CA LYS B 79 13.91 28.13 -9.03
C LYS B 79 12.39 27.92 -9.07
N VAL B 80 11.96 26.84 -9.75
CA VAL B 80 10.66 26.25 -9.55
C VAL B 80 10.83 24.78 -9.18
N THR B 81 9.78 24.24 -8.56
CA THR B 81 9.80 22.88 -8.02
C THR B 81 8.45 22.22 -8.25
N SER B 82 8.48 20.96 -8.68
CA SER B 82 7.26 20.18 -8.93
C SER B 82 7.35 18.82 -8.30
N LYS B 83 6.21 18.28 -7.92
CA LYS B 83 6.12 17.01 -7.20
C LYS B 83 5.56 15.89 -8.04
N VAL B 84 5.94 14.66 -7.70
CA VAL B 84 5.43 13.48 -8.39
C VAL B 84 5.44 12.28 -7.47
N ILE B 85 4.51 11.36 -7.69
CA ILE B 85 4.56 10.08 -7.01
C ILE B 85 5.59 9.22 -7.70
N GLU B 86 6.53 8.69 -6.92
CA GLU B 86 7.54 7.80 -7.51
C GLU B 86 8.06 6.82 -6.47
N LYS B 87 8.58 5.71 -6.96
CA LYS B 87 9.16 4.67 -6.13
C LYS B 87 10.61 4.99 -5.83
N PHE B 88 11.15 4.41 -4.78
CA PHE B 88 12.54 4.62 -4.43
C PHE B 88 13.16 3.37 -3.83
N PRO B 89 14.33 2.97 -4.34
CA PRO B 89 15.01 3.50 -5.53
C PRO B 89 14.36 2.98 -6.79
N ALA B 90 14.53 3.72 -7.86
CA ALA B 90 14.01 3.31 -9.15
C ALA B 90 14.66 4.12 -10.26
N PRO B 91 14.90 3.47 -11.39
CA PRO B 91 15.36 4.24 -12.54
C PRO B 91 14.31 5.25 -12.95
N VAL B 92 14.75 6.36 -13.54
CA VAL B 92 13.81 7.38 -13.97
C VAL B 92 14.20 7.92 -15.33
N HIS B 93 13.19 8.28 -16.12
CA HIS B 93 13.39 9.07 -17.32
C HIS B 93 12.84 10.46 -17.04
N ILE B 94 13.69 11.46 -17.25
CA ILE B 94 13.29 12.84 -16.97
C ILE B 94 13.42 13.68 -18.23
N CYS B 95 12.37 14.41 -18.59
N CYS B 95 12.40 14.48 -18.51
CA CYS B 95 12.47 15.51 -19.56
CA CYS B 95 12.46 15.49 -19.54
C CYS B 95 12.05 16.79 -18.83
C CYS B 95 11.95 16.81 -18.97
N VAL B 96 12.68 17.89 -19.20
CA VAL B 96 12.24 19.19 -18.76
C VAL B 96 12.38 20.20 -19.89
N SER B 97 11.34 21.01 -20.08
CA SER B 97 11.37 22.07 -21.06
C SER B 97 11.12 23.42 -20.40
N TRP B 98 11.63 24.48 -21.04
CA TRP B 98 11.38 25.84 -20.58
C TRP B 98 11.29 26.74 -21.79
N GLU B 99 10.39 27.72 -21.74
CA GLU B 99 10.14 28.65 -22.83
C GLU B 99 10.16 30.08 -22.31
N SER B 100 11.06 30.93 -22.82
CA SER B 100 11.18 32.31 -22.33
C SER B 100 9.90 33.12 -22.49
N SER B 101 9.24 32.97 -23.63
CA SER B 101 8.10 33.84 -23.94
C SER B 101 6.99 33.76 -22.90
N SER B 102 6.71 32.55 -22.39
CA SER B 102 5.70 32.36 -21.34
C SER B 102 6.31 32.19 -19.94
N GLY B 103 7.59 31.85 -19.89
CA GLY B 103 8.22 31.45 -18.65
C GLY B 103 7.90 30.04 -18.18
N ILE B 104 7.11 29.31 -18.95
CA ILE B 104 6.61 28.01 -18.51
C ILE B 104 7.69 26.93 -18.53
N ALA B 105 7.78 26.20 -17.42
CA ALA B 105 8.68 25.07 -17.23
C ALA B 105 7.82 23.83 -17.04
N GLU B 106 8.17 22.75 -17.73
CA GLU B 106 7.41 21.52 -17.63
C GLU B 106 8.35 20.34 -17.44
N PHE B 107 8.17 19.61 -16.34
CA PHE B 107 8.85 18.33 -16.13
C PHE B 107 7.95 17.19 -16.57
N TRP B 108 8.57 16.17 -17.15
CA TRP B 108 7.93 14.90 -17.51
C TRP B 108 8.76 13.81 -16.85
N ILE B 109 8.12 12.99 -16.02
CA ILE B 109 8.81 11.96 -15.26
C ILE B 109 8.21 10.62 -15.69
N ASN B 110 9.03 9.78 -16.33
CA ASN B 110 8.57 8.52 -16.92
C ASN B 110 7.35 8.72 -17.82
N GLY B 111 7.39 9.77 -18.64
CA GLY B 111 6.36 10.08 -19.61
C GLY B 111 5.13 10.75 -19.03
N THR B 112 5.12 11.03 -17.73
CA THR B 112 3.98 11.63 -17.05
C THR B 112 4.25 13.12 -16.82
N PRO B 113 3.36 14.01 -17.29
CA PRO B 113 3.61 15.42 -17.05
C PRO B 113 3.35 15.88 -15.63
N LEU B 114 4.27 16.66 -15.08
CA LEU B 114 4.05 17.27 -13.78
C LEU B 114 3.26 18.56 -13.96
N VAL B 115 2.80 19.15 -12.85
CA VAL B 115 2.14 20.44 -12.91
C VAL B 115 3.12 21.50 -13.44
N LYS B 116 2.70 22.29 -14.41
CA LYS B 116 3.55 23.35 -14.96
C LYS B 116 3.79 24.45 -13.92
N LYS B 117 5.00 25.01 -13.96
CA LYS B 117 5.36 26.17 -13.18
C LYS B 117 5.93 27.21 -14.14
N GLY B 118 6.24 28.39 -13.62
CA GLY B 118 6.73 29.45 -14.48
C GLY B 118 7.71 30.37 -13.77
N LEU B 119 8.71 30.78 -14.53
CA LEU B 119 9.77 31.65 -14.05
C LEU B 119 10.50 32.30 -15.21
N ARG B 120 11.08 33.45 -14.92
CA ARG B 120 12.02 34.08 -15.83
C ARG B 120 11.39 34.38 -17.20
N GLN B 121 10.11 34.74 -17.22
CA GLN B 121 9.47 35.17 -18.46
C GLN B 121 10.26 36.31 -19.10
N GLY B 122 10.64 36.13 -20.35
CA GLY B 122 11.36 37.15 -21.11
C GLY B 122 12.87 37.08 -21.00
N TYR B 123 13.36 36.18 -20.16
CA TYR B 123 14.79 35.98 -19.93
C TYR B 123 15.37 35.08 -21.01
N PHE B 124 16.68 35.22 -21.29
CA PHE B 124 17.37 34.29 -22.15
C PHE B 124 18.50 33.62 -21.38
N VAL B 125 18.56 32.30 -21.44
CA VAL B 125 19.63 31.56 -20.80
C VAL B 125 20.95 31.90 -21.49
N GLU B 126 21.95 32.25 -20.71
CA GLU B 126 23.23 32.63 -21.29
C GLU B 126 23.93 31.47 -22.01
N ALA B 127 24.76 31.80 -23.00
CA ALA B 127 25.51 30.81 -23.76
C ALA B 127 26.94 30.66 -23.23
N GLN B 128 27.78 29.94 -23.97
CA GLN B 128 29.13 29.60 -23.54
C GLN B 128 29.16 28.98 -22.14
N PRO B 129 28.34 27.96 -21.94
CA PRO B 129 28.28 27.33 -20.60
C PRO B 129 29.43 26.34 -20.33
N LYS B 130 29.69 26.05 -19.06
CA LYS B 130 30.31 24.80 -18.65
C LYS B 130 29.15 23.92 -18.17
N ILE B 131 29.08 22.69 -18.70
CA ILE B 131 28.01 21.77 -18.38
C ILE B 131 28.65 20.56 -17.70
N VAL B 132 28.15 20.21 -16.53
CA VAL B 132 28.76 19.17 -15.70
C VAL B 132 27.72 18.17 -15.24
N LEU B 133 28.09 16.89 -15.38
CA LEU B 133 27.38 15.79 -14.74
C LEU B 133 28.23 15.25 -13.59
N GLY B 134 27.57 14.86 -12.50
CA GLY B 134 28.23 14.25 -11.37
C GLY B 134 28.47 15.18 -10.19
N GLN B 135 28.51 16.47 -10.47
CA GLN B 135 28.74 17.48 -9.43
C GLN B 135 27.90 18.71 -9.76
N GLU B 136 27.61 19.51 -8.73
CA GLU B 136 26.88 20.76 -8.88
C GLU B 136 27.93 21.88 -8.86
N GLN B 137 27.98 22.68 -9.92
CA GLN B 137 28.95 23.78 -10.00
C GLN B 137 28.42 24.99 -9.26
N ASP B 138 29.30 25.64 -8.47
CA ASP B 138 29.03 27.00 -8.00
C ASP B 138 29.87 28.04 -8.76
N SER B 139 30.87 27.61 -9.53
CA SER B 139 31.65 28.54 -10.31
C SER B 139 31.56 28.15 -11.79
N TYR B 140 32.37 28.78 -12.64
CA TYR B 140 32.37 28.43 -14.04
C TYR B 140 33.28 27.22 -14.21
N GLY B 141 32.69 26.05 -14.08
CA GLY B 141 33.39 24.78 -14.21
C GLY B 141 33.77 24.08 -12.91
N GLY B 142 33.57 24.73 -11.75
CA GLY B 142 34.01 24.15 -10.50
C GLY B 142 33.24 24.52 -9.24
N LYS B 143 33.99 24.58 -8.12
CA LYS B 143 33.45 24.83 -6.78
C LYS B 143 32.31 23.89 -6.46
N PHE B 144 32.66 22.62 -6.38
CA PHE B 144 31.71 21.53 -6.16
C PHE B 144 31.39 21.39 -4.67
N ASP B 145 30.44 20.50 -4.37
CA ASP B 145 29.93 20.33 -3.00
C ASP B 145 29.59 18.86 -2.87
N ARG B 146 30.30 18.14 -2.01
CA ARG B 146 30.10 16.69 -1.86
C ARG B 146 28.64 16.31 -1.63
N SER B 147 27.92 17.11 -0.84
CA SER B 147 26.56 16.78 -0.48
C SER B 147 25.54 17.04 -1.59
N GLN B 148 26.03 17.52 -2.74
CA GLN B 148 25.22 17.70 -3.93
C GLN B 148 25.66 16.80 -5.08
N SER B 149 26.69 15.98 -4.84
CA SER B 149 27.23 15.13 -5.90
C SER B 149 26.21 14.04 -6.29
N PHE B 150 26.30 13.61 -7.54
CA PHE B 150 25.45 12.55 -8.04
C PHE B 150 26.23 11.24 -8.03
N VAL B 151 25.67 10.25 -7.36
CA VAL B 151 26.24 8.91 -7.30
C VAL B 151 25.22 8.01 -7.96
N GLY B 152 25.64 7.29 -8.99
CA GLY B 152 24.75 6.43 -9.76
C GLY B 152 25.05 6.51 -11.23
N GLU B 153 24.02 6.28 -12.05
CA GLU B 153 24.15 6.10 -13.48
C GLU B 153 23.27 7.09 -14.28
N ILE B 154 23.84 7.66 -15.35
CA ILE B 154 23.11 8.55 -16.24
C ILE B 154 23.36 8.14 -17.69
N GLY B 155 22.32 8.15 -18.49
CA GLY B 155 22.43 7.85 -19.90
C GLY B 155 21.39 8.52 -20.75
N ASP B 156 21.45 8.26 -22.06
CA ASP B 156 20.42 8.71 -23.00
C ASP B 156 20.08 10.20 -22.84
N LEU B 157 21.10 11.03 -22.81
CA LEU B 157 20.91 12.46 -22.62
C LEU B 157 20.89 13.19 -23.96
N TYR B 158 19.85 14.00 -24.14
CA TYR B 158 19.64 14.81 -25.33
C TYR B 158 19.17 16.19 -24.91
N MET B 159 19.64 17.22 -25.62
CA MET B 159 19.14 18.57 -25.39
C MET B 159 18.89 19.26 -26.72
N TRP B 160 17.71 19.85 -26.84
CA TRP B 160 17.22 20.52 -28.05
C TRP B 160 17.01 22.02 -27.76
N ASP B 161 17.18 22.87 -28.77
CA ASP B 161 16.89 24.29 -28.61
C ASP B 161 15.42 24.68 -28.93
N SER B 162 14.49 23.75 -28.68
CA SER B 162 13.07 23.99 -28.81
C SER B 162 12.30 23.26 -27.71
N VAL B 163 11.02 23.59 -27.53
CA VAL B 163 10.12 22.86 -26.64
C VAL B 163 9.47 21.70 -27.40
N LEU B 164 9.91 20.49 -27.09
CA LEU B 164 9.39 19.30 -27.74
C LEU B 164 7.91 19.11 -27.45
N PRO B 165 7.13 18.75 -28.49
CA PRO B 165 5.76 18.38 -28.15
C PRO B 165 5.68 17.05 -27.39
N PRO B 166 4.56 16.80 -26.70
CA PRO B 166 4.38 15.61 -25.87
C PRO B 166 4.73 14.29 -26.58
N GLU B 167 4.28 14.13 -27.82
CA GLU B 167 4.51 12.86 -28.49
C GLU B 167 6.02 12.62 -28.71
N ASN B 168 6.78 13.71 -28.84
CA ASN B 168 8.23 13.60 -28.97
C ASN B 168 8.92 13.30 -27.65
N ILE B 169 8.31 13.75 -26.55
N ILE B 169 8.33 13.75 -26.55
CA ILE B 169 8.80 13.41 -25.22
CA ILE B 169 8.84 13.41 -25.24
C ILE B 169 8.64 11.92 -25.00
C ILE B 169 8.64 11.93 -24.98
N LEU B 170 7.46 11.41 -25.30
CA LEU B 170 7.19 9.98 -25.18
C LEU B 170 8.15 9.21 -26.08
N SER B 171 8.43 9.73 -27.27
CA SER B 171 9.42 9.08 -28.13
C SER B 171 10.76 8.93 -27.42
N ALA B 172 11.21 10.00 -26.77
CA ALA B 172 12.48 9.93 -26.06
C ALA B 172 12.36 8.89 -24.95
N TYR B 173 11.25 8.94 -24.22
CA TYR B 173 11.07 8.01 -23.10
C TYR B 173 11.17 6.56 -23.58
N GLN B 174 10.56 6.27 -24.72
CA GLN B 174 10.52 4.92 -25.27
C GLN B 174 11.82 4.48 -25.97
N GLY B 175 12.74 5.39 -26.21
CA GLY B 175 14.02 5.02 -26.76
C GLY B 175 14.19 5.33 -28.23
N THR B 176 13.36 6.24 -28.75
CA THR B 176 13.53 6.70 -30.12
C THR B 176 13.46 8.24 -30.20
N PRO B 177 14.42 8.90 -29.55
CA PRO B 177 14.44 10.37 -29.54
C PRO B 177 14.73 10.95 -30.91
N LEU B 178 14.16 12.11 -31.21
CA LEU B 178 14.57 12.92 -32.34
C LEU B 178 16.02 13.32 -32.20
N PRO B 179 16.74 13.46 -33.31
CA PRO B 179 18.07 14.02 -33.21
C PRO B 179 18.03 15.37 -32.50
N ALA B 180 19.09 15.68 -31.77
CA ALA B 180 19.13 16.87 -30.91
C ALA B 180 20.32 17.78 -31.22
N ASN B 181 20.06 19.09 -31.29
CA ASN B 181 21.09 20.02 -31.72
C ASN B 181 22.00 20.68 -30.66
N ILE B 182 21.69 20.55 -29.38
CA ILE B 182 22.60 21.10 -28.37
C ILE B 182 23.49 20.03 -27.76
N LEU B 183 22.86 18.93 -27.30
CA LEU B 183 23.60 17.76 -26.80
C LEU B 183 22.92 16.50 -27.35
N ASP B 184 23.73 15.53 -27.79
CA ASP B 184 23.17 14.31 -28.39
C ASP B 184 24.03 13.10 -28.00
N TRP B 185 23.40 12.16 -27.26
CA TRP B 185 24.08 10.98 -26.70
C TRP B 185 24.76 10.12 -27.77
N GLN B 186 24.23 10.17 -28.99
CA GLN B 186 24.80 9.40 -30.11
C GLN B 186 25.95 10.13 -30.82
N ALA B 187 26.23 11.36 -30.40
CA ALA B 187 27.29 12.18 -30.96
C ALA B 187 27.76 13.19 -29.91
N LEU B 188 28.31 12.66 -28.83
CA LEU B 188 28.56 13.44 -27.63
C LEU B 188 30.03 13.75 -27.51
N ASN B 189 30.31 15.01 -27.17
CA ASN B 189 31.65 15.42 -26.85
C ASN B 189 31.74 15.63 -25.35
N TYR B 190 32.56 14.83 -24.69
CA TYR B 190 32.62 14.81 -23.23
C TYR B 190 34.05 14.60 -22.73
N GLU B 191 34.29 14.95 -21.46
CA GLU B 191 35.54 14.70 -20.78
C GLU B 191 35.29 14.07 -19.43
N ILE B 192 35.92 12.93 -19.16
CA ILE B 192 35.84 12.31 -17.84
C ILE B 192 36.96 12.83 -16.96
N ARG B 193 36.58 13.23 -15.76
CA ARG B 193 37.51 13.72 -14.77
C ARG B 193 37.31 12.93 -13.46
N GLY B 194 38.34 12.21 -13.05
CA GLY B 194 38.24 11.36 -11.89
C GLY B 194 37.64 10.00 -12.19
N TYR B 195 36.94 9.48 -11.18
CA TYR B 195 36.40 8.14 -11.21
C TYR B 195 35.00 8.12 -11.79
N VAL B 196 34.93 7.98 -13.11
CA VAL B 196 33.68 7.81 -13.84
C VAL B 196 33.95 6.72 -14.87
N ILE B 197 33.08 5.74 -14.92
CA ILE B 197 33.27 4.57 -15.77
C ILE B 197 32.10 4.44 -16.73
N ILE B 198 32.38 4.18 -18.00
CA ILE B 198 31.34 3.96 -18.98
C ILE B 198 31.00 2.46 -19.03
N LYS B 199 29.72 2.13 -18.87
CA LYS B 199 29.28 0.73 -18.85
C LYS B 199 28.04 0.59 -19.71
N PRO B 200 27.71 -0.65 -20.11
CA PRO B 200 26.44 -0.83 -20.79
C PRO B 200 25.25 -0.48 -19.88
N LEU B 201 24.19 0.02 -20.49
CA LEU B 201 22.95 0.28 -19.79
C LEU B 201 22.20 -1.02 -19.61
N VAL B 202 21.96 -1.43 -18.36
CA VAL B 202 21.32 -2.73 -18.10
C VAL B 202 19.96 -2.64 -17.41
N TRP B 203 19.53 -1.42 -17.09
CA TRP B 203 18.33 -1.21 -16.30
C TRP B 203 17.13 -0.65 -17.04
N VAL B 204 17.24 -0.50 -18.35
CA VAL B 204 16.03 -0.33 -19.14
C VAL B 204 15.55 -1.70 -19.65
N HIS C 1 -16.57 35.68 -27.43
CA HIS C 1 -16.17 34.51 -26.58
C HIS C 1 -15.08 33.70 -27.27
N THR C 2 -14.39 32.88 -26.49
CA THR C 2 -13.24 32.12 -26.93
C THR C 2 -13.44 30.64 -26.61
N ASP C 3 -13.04 29.76 -27.52
CA ASP C 3 -13.20 28.34 -27.30
C ASP C 3 -11.90 27.76 -26.78
N LEU C 4 -11.87 27.44 -25.46
CA LEU C 4 -10.67 26.90 -24.81
C LEU C 4 -10.59 25.37 -24.74
N SER C 5 -11.40 24.67 -25.53
CA SER C 5 -11.27 23.23 -25.64
C SER C 5 -9.82 22.83 -25.80
N GLY C 6 -9.40 21.84 -25.01
CA GLY C 6 -8.06 21.32 -25.17
C GLY C 6 -6.99 22.19 -24.55
N LYS C 7 -7.42 23.23 -23.83
CA LYS C 7 -6.48 24.17 -23.20
C LYS C 7 -6.84 24.41 -21.73
N VAL C 8 -5.83 24.87 -20.98
CA VAL C 8 -5.96 25.18 -19.55
C VAL C 8 -5.45 26.59 -19.27
N PHE C 9 -5.91 27.19 -18.18
CA PHE C 9 -5.20 28.31 -17.56
C PHE C 9 -4.13 27.70 -16.65
N VAL C 10 -2.90 28.18 -16.82
CA VAL C 10 -1.79 27.85 -15.94
C VAL C 10 -1.53 29.06 -15.06
N PHE C 11 -1.66 28.85 -13.75
CA PHE C 11 -1.30 29.83 -12.73
C PHE C 11 0.07 29.33 -12.25
N PRO C 12 1.15 29.88 -12.82
CA PRO C 12 2.44 29.19 -12.69
C PRO C 12 3.23 29.49 -11.42
N ARG C 13 2.70 30.35 -10.58
CA ARG C 13 3.43 30.76 -9.38
C ARG C 13 2.45 31.16 -8.31
N GLU C 14 2.88 31.10 -7.05
CA GLU C 14 2.09 31.65 -5.97
C GLU C 14 2.19 33.18 -5.92
N SER C 15 1.06 33.81 -5.65
CA SER C 15 0.96 35.27 -5.60
C SER C 15 -0.34 35.65 -4.93
N VAL C 16 -0.52 36.95 -4.65
CA VAL C 16 -1.78 37.46 -4.16
C VAL C 16 -2.46 38.32 -5.25
N THR C 17 -1.95 38.27 -6.49
CA THR C 17 -2.50 39.10 -7.55
C THR C 17 -2.88 38.40 -8.86
N ASP C 18 -2.24 37.29 -9.20
CA ASP C 18 -2.53 36.62 -10.48
C ASP C 18 -3.93 36.02 -10.44
N HIS C 19 -4.77 36.30 -11.44
CA HIS C 19 -6.12 35.74 -11.42
C HIS C 19 -6.78 35.87 -12.77
N VAL C 20 -7.88 35.16 -12.94
CA VAL C 20 -8.71 35.29 -14.12
C VAL C 20 -10.14 35.64 -13.69
N ASN C 21 -10.73 36.64 -14.34
CA ASN C 21 -12.14 36.95 -14.12
C ASN C 21 -12.98 36.23 -15.15
N LEU C 22 -14.04 35.56 -14.72
CA LEU C 22 -14.98 34.90 -15.65
C LEU C 22 -16.24 35.73 -15.73
N ILE C 23 -16.67 35.99 -16.97
CA ILE C 23 -17.78 36.91 -17.20
C ILE C 23 -19.02 36.15 -17.62
N THR C 24 -20.10 36.39 -16.91
CA THR C 24 -21.40 35.81 -17.21
C THR C 24 -22.42 36.93 -17.03
N PRO C 25 -23.42 36.97 -17.89
CA PRO C 25 -24.49 37.97 -17.82
C PRO C 25 -25.61 37.52 -16.89
N LEU C 26 -25.27 36.93 -15.75
CA LEU C 26 -26.26 36.33 -14.86
C LEU C 26 -26.93 37.40 -14.00
N GLU C 27 -28.24 37.56 -14.24
CA GLU C 27 -29.04 38.60 -13.60
C GLU C 27 -30.08 38.01 -12.66
N LYS C 28 -30.33 36.71 -12.78
CA LYS C 28 -31.39 36.06 -12.02
C LYS C 28 -30.78 35.23 -10.92
N PRO C 29 -31.22 35.42 -9.67
CA PRO C 29 -30.71 34.58 -8.58
C PRO C 29 -30.87 33.09 -8.88
N LEU C 30 -29.89 32.29 -8.47
CA LEU C 30 -29.89 30.87 -8.76
C LEU C 30 -30.55 30.04 -7.69
N GLN C 31 -31.48 29.20 -8.11
CA GLN C 31 -32.05 28.18 -7.23
C GLN C 31 -31.34 26.84 -7.32
N ASN C 32 -30.78 26.53 -8.50
CA ASN C 32 -30.11 25.27 -8.77
C ASN C 32 -28.87 25.54 -9.60
N PHE C 33 -27.82 24.75 -9.42
CA PHE C 33 -26.71 24.83 -10.37
C PHE C 33 -25.89 23.56 -10.34
N THR C 34 -25.09 23.38 -11.39
CA THR C 34 -24.04 22.37 -11.43
C THR C 34 -22.81 23.06 -11.98
N LEU C 35 -21.66 22.77 -11.39
CA LEU C 35 -20.39 23.33 -11.82
C LEU C 35 -19.39 22.17 -11.94
N CYS C 36 -18.71 22.06 -13.08
N CYS C 36 -18.69 22.07 -13.05
CA CYS C 36 -17.70 21.02 -13.33
CA CYS C 36 -17.63 21.08 -13.15
C CYS C 36 -16.42 21.70 -13.83
C CYS C 36 -16.43 21.63 -13.88
N PHE C 37 -15.27 21.10 -13.52
CA PHE C 37 -13.99 21.56 -14.05
C PHE C 37 -12.92 20.53 -13.71
N ARG C 38 -11.77 20.65 -14.35
CA ARG C 38 -10.63 19.75 -14.14
C ARG C 38 -9.50 20.58 -13.60
N ALA C 39 -8.77 20.05 -12.62
CA ALA C 39 -7.66 20.79 -12.05
C ALA C 39 -6.45 19.91 -11.73
N TYR C 40 -5.26 20.51 -11.74
CA TYR C 40 -4.03 19.75 -11.47
C TYR C 40 -3.10 20.70 -10.72
N SER C 41 -2.82 20.37 -9.45
CA SER C 41 -2.04 21.20 -8.56
C SER C 41 -1.20 20.31 -7.64
N ASP C 42 0.00 20.75 -7.28
CA ASP C 42 0.76 20.00 -6.29
C ASP C 42 0.88 20.79 -4.97
N LEU C 43 -0.06 21.71 -4.75
CA LEU C 43 -0.19 22.36 -3.44
C LEU C 43 -0.77 21.37 -2.44
N SER C 44 -0.24 21.36 -1.21
N SER C 44 -0.21 21.39 -1.22
CA SER C 44 -0.88 20.60 -0.14
CA SER C 44 -0.73 20.64 -0.08
C SER C 44 -1.61 21.48 0.89
C SER C 44 -1.65 21.48 0.80
N ARG C 45 -1.35 22.78 0.88
CA ARG C 45 -2.14 23.72 1.66
C ARG C 45 -3.52 23.87 1.04
N ALA C 46 -4.44 24.51 1.75
CA ALA C 46 -5.78 24.76 1.24
C ALA C 46 -5.74 25.77 0.09
N TYR C 47 -6.73 25.72 -0.80
CA TYR C 47 -6.81 26.70 -1.88
C TYR C 47 -8.20 26.79 -2.48
N SER C 48 -8.52 27.95 -3.01
CA SER C 48 -9.80 28.16 -3.71
C SER C 48 -9.74 27.71 -5.17
N LEU C 49 -10.76 26.94 -5.57
CA LEU C 49 -10.88 26.47 -6.95
C LEU C 49 -11.79 27.37 -7.77
N PHE C 50 -12.88 27.84 -7.16
CA PHE C 50 -13.88 28.68 -7.84
C PHE C 50 -14.51 29.63 -6.83
N SER C 51 -14.33 30.93 -7.04
CA SER C 51 -14.78 31.96 -6.11
C SER C 51 -15.84 32.87 -6.76
N TYR C 52 -17.03 32.89 -6.17
CA TYR C 52 -18.16 33.65 -6.71
C TYR C 52 -18.70 34.50 -5.55
N ASN C 53 -18.53 35.81 -5.66
CA ASN C 53 -18.97 36.75 -4.63
C ASN C 53 -19.96 37.72 -5.26
N THR C 54 -20.89 38.22 -4.46
CA THR C 54 -21.81 39.24 -4.96
C THR C 54 -21.70 40.44 -4.03
N GLN C 55 -22.32 41.56 -4.39
CA GLN C 55 -22.20 42.77 -3.56
C GLN C 55 -22.64 42.55 -2.11
N GLY C 56 -21.69 42.82 -1.20
CA GLY C 56 -21.91 42.66 0.22
C GLY C 56 -21.84 41.23 0.73
N ARG C 57 -21.55 40.27 -0.16
CA ARG C 57 -21.66 38.86 0.20
C ARG C 57 -20.42 38.04 -0.20
N ASP C 58 -19.59 37.76 0.80
CA ASP C 58 -18.40 36.94 0.63
C ASP C 58 -18.81 35.46 0.64
N ASN C 59 -18.14 34.66 -0.18
CA ASN C 59 -18.37 33.21 -0.22
C ASN C 59 -19.81 32.88 -0.57
N GLU C 60 -20.36 33.61 -1.54
CA GLU C 60 -21.73 33.41 -1.96
C GLU C 60 -21.87 32.04 -2.64
N LEU C 61 -20.85 31.68 -3.43
CA LEU C 61 -20.74 30.34 -3.99
C LEU C 61 -19.23 30.10 -4.10
N LEU C 62 -18.69 29.17 -3.32
CA LEU C 62 -17.25 28.93 -3.32
C LEU C 62 -16.92 27.44 -3.25
N VAL C 63 -16.02 26.99 -4.13
CA VAL C 63 -15.50 25.63 -4.06
C VAL C 63 -14.04 25.73 -3.60
N TYR C 64 -13.76 25.08 -2.47
CA TYR C 64 -12.50 25.28 -1.74
C TYR C 64 -11.94 23.93 -1.35
N LYS C 65 -10.67 23.69 -1.65
CA LYS C 65 -10.05 22.43 -1.29
C LYS C 65 -9.36 22.59 0.05
N GLU C 66 -9.79 21.83 1.06
CA GLU C 66 -9.28 22.04 2.41
C GLU C 66 -7.87 21.44 2.63
N ARG C 67 -7.69 20.29 2.03
CA ARG C 67 -6.49 19.44 2.16
C ARG C 67 -6.73 18.27 1.23
N VAL C 68 -5.71 17.44 1.02
CA VAL C 68 -5.87 16.27 0.20
C VAL C 68 -7.07 15.47 0.71
N GLY C 69 -7.93 15.12 -0.23
CA GLY C 69 -9.10 14.29 0.06
C GLY C 69 -10.31 14.99 0.65
N GLU C 70 -10.32 16.32 0.69
CA GLU C 70 -11.40 17.04 1.37
C GLU C 70 -11.78 18.31 0.62
N TYR C 71 -13.05 18.37 0.19
CA TYR C 71 -13.59 19.48 -0.59
C TYR C 71 -14.76 20.14 0.11
N SER C 72 -14.79 21.46 0.06
CA SER C 72 -15.90 22.22 0.64
C SER C 72 -16.64 23.04 -0.41
N LEU C 73 -17.94 23.14 -0.19
CA LEU C 73 -18.78 24.07 -0.93
C LEU C 73 -19.37 25.07 0.06
N TYR C 74 -19.28 26.35 -0.27
CA TYR C 74 -20.01 27.36 0.45
C TYR C 74 -21.17 27.86 -0.41
N ILE C 75 -22.33 28.04 0.24
CA ILE C 75 -23.48 28.68 -0.37
C ILE C 75 -23.92 29.78 0.60
N GLY C 76 -23.91 31.04 0.16
CA GLY C 76 -24.28 32.14 1.04
C GLY C 76 -23.49 32.12 2.34
N ARG C 77 -22.19 31.85 2.22
CA ARG C 77 -21.27 31.86 3.36
C ARG C 77 -21.40 30.67 4.33
N HIS C 78 -22.37 29.78 4.14
CA HIS C 78 -22.44 28.55 4.92
C HIS C 78 -21.68 27.46 4.17
N LYS C 79 -21.12 26.50 4.89
CA LYS C 79 -20.20 25.53 4.30
C LYS C 79 -20.63 24.10 4.59
N VAL C 80 -20.48 23.23 3.61
CA VAL C 80 -20.43 21.79 3.80
C VAL C 80 -19.10 21.23 3.25
N THR C 81 -18.72 20.06 3.75
CA THR C 81 -17.43 19.43 3.40
C THR C 81 -17.61 17.94 3.20
N SER C 82 -16.99 17.43 2.14
CA SER C 82 -17.04 16.02 1.81
C SER C 82 -15.64 15.45 1.57
N LYS C 83 -15.49 14.15 1.88
CA LYS C 83 -14.20 13.47 1.78
C LYS C 83 -14.16 12.44 0.67
N VAL C 84 -12.95 12.17 0.18
CA VAL C 84 -12.76 11.18 -0.88
C VAL C 84 -11.33 10.63 -0.81
N ILE C 85 -11.18 9.37 -1.19
CA ILE C 85 -9.86 8.78 -1.41
C ILE C 85 -9.28 9.39 -2.69
N GLU C 86 -8.09 9.95 -2.58
CA GLU C 86 -7.39 10.41 -3.78
C GLU C 86 -5.88 10.38 -3.60
N LYS C 87 -5.19 10.30 -4.73
CA LYS C 87 -3.73 10.29 -4.76
C LYS C 87 -3.25 11.72 -4.79
N PHE C 88 -2.00 11.91 -4.42
CA PHE C 88 -1.41 13.24 -4.44
C PHE C 88 0.07 13.20 -4.84
N PRO C 89 0.46 14.03 -5.83
CA PRO C 89 -0.39 14.90 -6.66
C PRO C 89 -1.08 14.09 -7.75
N ALA C 90 -2.24 14.56 -8.17
CA ALA C 90 -2.95 13.91 -9.26
C ALA C 90 -3.94 14.87 -9.87
N PRO C 91 -4.10 14.80 -11.20
CA PRO C 91 -5.22 15.53 -11.81
C PRO C 91 -6.55 15.07 -11.23
N VAL C 92 -7.53 15.97 -11.21
CA VAL C 92 -8.83 15.61 -10.71
C VAL C 92 -9.91 16.25 -11.57
N HIS C 93 -11.04 15.55 -11.72
CA HIS C 93 -12.23 16.15 -12.31
C HIS C 93 -13.25 16.31 -11.20
N ILE C 94 -13.77 17.52 -11.07
CA ILE C 94 -14.69 17.85 -9.98
C ILE C 94 -15.97 18.40 -10.54
N CYS C 95 -17.10 17.81 -10.12
N CYS C 95 -17.10 17.89 -10.04
CA CYS C 95 -18.40 18.42 -10.33
CA CYS C 95 -18.39 18.44 -10.35
C CYS C 95 -19.00 18.66 -8.95
C CYS C 95 -19.16 18.55 -9.05
N VAL C 96 -19.83 19.68 -8.86
CA VAL C 96 -20.63 19.90 -7.67
C VAL C 96 -21.97 20.49 -8.09
N SER C 97 -23.05 20.00 -7.48
CA SER C 97 -24.39 20.55 -7.70
C SER C 97 -25.02 20.94 -6.39
N TRP C 98 -25.97 21.88 -6.47
CA TRP C 98 -26.75 22.26 -5.28
C TRP C 98 -28.14 22.65 -5.73
N GLU C 99 -29.11 22.29 -4.90
CA GLU C 99 -30.54 22.43 -5.17
C GLU C 99 -31.20 23.11 -3.99
N SER C 100 -31.70 24.33 -4.18
CA SER C 100 -32.32 25.09 -3.10
C SER C 100 -33.49 24.35 -2.44
N SER C 101 -34.31 23.67 -3.23
CA SER C 101 -35.55 23.14 -2.68
C SER C 101 -35.30 22.15 -1.55
N SER C 102 -34.24 21.33 -1.68
CA SER C 102 -33.86 20.35 -0.68
C SER C 102 -32.64 20.77 0.14
N GLY C 103 -31.90 21.74 -0.38
CA GLY C 103 -30.59 22.11 0.16
C GLY C 103 -29.45 21.14 -0.17
N ILE C 104 -29.73 20.08 -0.89
CA ILE C 104 -28.73 19.04 -1.11
C ILE C 104 -27.60 19.51 -2.02
N ALA C 105 -26.38 19.24 -1.56
CA ALA C 105 -25.15 19.51 -2.31
C ALA C 105 -24.47 18.18 -2.57
N GLU C 106 -23.99 17.99 -3.79
CA GLU C 106 -23.37 16.74 -4.16
C GLU C 106 -22.09 17.01 -4.94
N PHE C 107 -20.97 16.54 -4.40
CA PHE C 107 -19.72 16.48 -5.14
C PHE C 107 -19.58 15.16 -5.89
N TRP C 108 -18.97 15.24 -7.07
CA TRP C 108 -18.55 14.08 -7.84
C TRP C 108 -17.08 14.26 -8.17
N ILE C 109 -16.26 13.28 -7.81
CA ILE C 109 -14.82 13.37 -7.99
C ILE C 109 -14.41 12.24 -8.93
N ASN C 110 -13.88 12.59 -10.10
CA ASN C 110 -13.54 11.60 -11.11
C ASN C 110 -14.72 10.68 -11.39
N GLY C 111 -15.91 11.27 -11.47
CA GLY C 111 -17.12 10.55 -11.83
C GLY C 111 -17.73 9.72 -10.72
N THR C 112 -17.13 9.78 -9.53
CA THR C 112 -17.58 9.01 -8.36
C THR C 112 -18.31 9.95 -7.40
N PRO C 113 -19.54 9.57 -6.98
CA PRO C 113 -20.29 10.46 -6.11
C PRO C 113 -19.80 10.41 -4.68
N LEU C 114 -19.60 11.59 -4.08
CA LEU C 114 -19.30 11.68 -2.66
C LEU C 114 -20.60 11.62 -1.85
N VAL C 115 -20.48 11.49 -0.53
CA VAL C 115 -21.67 11.51 0.33
C VAL C 115 -22.34 12.86 0.20
N LYS C 116 -23.67 12.85 -0.02
CA LYS C 116 -24.43 14.10 -0.09
C LYS C 116 -24.45 14.84 1.24
N LYS C 117 -24.44 16.17 1.16
CA LYS C 117 -24.59 17.03 2.31
C LYS C 117 -25.70 18.01 1.99
N GLY C 118 -26.06 18.87 2.93
CA GLY C 118 -27.18 19.78 2.74
C GLY C 118 -27.00 21.07 3.51
N LEU C 119 -27.39 22.17 2.87
CA LEU C 119 -27.26 23.51 3.44
C LEU C 119 -28.16 24.50 2.68
N ARG C 120 -28.57 25.54 3.37
CA ARG C 120 -29.23 26.67 2.74
C ARG C 120 -30.51 26.28 1.98
N GLN C 121 -31.25 25.32 2.53
CA GLN C 121 -32.55 24.98 1.98
C GLN C 121 -33.44 26.21 1.89
N GLY C 122 -33.98 26.44 0.70
CA GLY C 122 -34.87 27.58 0.44
C GLY C 122 -34.18 28.86 0.03
N TYR C 123 -32.84 28.87 0.10
CA TYR C 123 -32.03 30.06 -0.22
C TYR C 123 -31.92 30.26 -1.73
N PHE C 124 -31.69 31.50 -2.17
CA PHE C 124 -31.36 31.77 -3.57
C PHE C 124 -29.96 32.40 -3.62
N VAL C 125 -29.06 31.81 -4.40
CA VAL C 125 -27.73 32.37 -4.59
C VAL C 125 -27.89 33.69 -5.35
N GLU C 126 -27.33 34.77 -4.81
CA GLU C 126 -27.51 36.09 -5.42
C GLU C 126 -26.86 36.18 -6.79
N ALA C 127 -27.38 37.10 -7.59
CA ALA C 127 -26.92 37.27 -8.95
C ALA C 127 -25.93 38.43 -9.07
N GLN C 128 -25.60 38.77 -10.32
CA GLN C 128 -24.59 39.78 -10.62
C GLN C 128 -23.27 39.50 -9.89
N PRO C 129 -22.75 38.28 -10.05
CA PRO C 129 -21.50 37.96 -9.38
C PRO C 129 -20.23 38.52 -10.02
N LYS C 130 -19.16 38.60 -9.23
CA LYS C 130 -17.80 38.58 -9.73
C LYS C 130 -17.28 37.15 -9.49
N ILE C 131 -16.73 36.54 -10.54
CA ILE C 131 -16.27 35.15 -10.51
C ILE C 131 -14.77 35.14 -10.83
N VAL C 132 -13.99 34.52 -9.95
CA VAL C 132 -12.55 34.58 -10.03
C VAL C 132 -11.95 33.18 -9.93
N LEU C 133 -11.00 32.90 -10.83
CA LEU C 133 -10.11 31.73 -10.71
C LEU C 133 -8.72 32.21 -10.34
N GLY C 134 -8.02 31.41 -9.52
CA GLY C 134 -6.67 31.67 -9.13
C GLY C 134 -6.51 32.35 -7.79
N GLN C 135 -7.55 33.02 -7.33
CA GLN C 135 -7.55 33.66 -6.02
C GLN C 135 -8.93 33.53 -5.41
N GLU C 136 -8.99 33.68 -4.08
CA GLU C 136 -10.23 33.64 -3.32
C GLU C 136 -10.62 35.08 -2.97
N GLN C 137 -11.79 35.52 -3.42
CA GLN C 137 -12.26 36.88 -3.12
C GLN C 137 -12.81 36.97 -1.71
N ASP C 138 -12.43 38.05 -1.00
CA ASP C 138 -13.19 38.46 0.18
C ASP C 138 -14.06 39.69 -0.08
N SER C 139 -13.84 40.38 -1.19
CA SER C 139 -14.67 41.53 -1.54
C SER C 139 -15.42 41.25 -2.85
N TYR C 140 -16.12 42.26 -3.35
CA TYR C 140 -16.79 42.11 -4.63
C TYR C 140 -15.74 42.35 -5.71
N GLY C 141 -15.00 41.29 -6.04
CA GLY C 141 -13.97 41.38 -7.07
C GLY C 141 -12.52 41.31 -6.61
N GLY C 142 -12.28 41.38 -5.30
CA GLY C 142 -10.93 41.47 -4.81
C GLY C 142 -10.72 40.98 -3.38
N LYS C 143 -9.76 41.63 -2.72
CA LYS C 143 -9.27 41.28 -1.38
C LYS C 143 -8.88 39.81 -1.31
N PHE C 144 -7.79 39.52 -1.99
CA PHE C 144 -7.23 38.19 -2.16
C PHE C 144 -6.34 37.83 -0.97
N ASP C 145 -5.94 36.57 -0.88
CA ASP C 145 -5.13 36.03 0.22
C ASP C 145 -4.15 35.02 -0.38
N ARG C 146 -2.86 35.29 -0.28
CA ARG C 146 -1.83 34.45 -0.92
C ARG C 146 -1.95 32.98 -0.52
N SER C 147 -2.30 32.74 0.73
CA SER C 147 -2.36 31.38 1.23
C SER C 147 -3.61 30.61 0.78
N GLN C 148 -4.47 31.27 -0.01
CA GLN C 148 -5.64 30.62 -0.63
C GLN C 148 -5.53 30.62 -2.14
N SER C 149 -4.42 31.11 -2.67
CA SER C 149 -4.27 31.18 -4.12
C SER C 149 -4.14 29.78 -4.71
N PHE C 150 -4.61 29.64 -5.96
CA PHE C 150 -4.47 28.38 -6.69
C PHE C 150 -3.27 28.46 -7.59
N VAL C 151 -2.35 27.52 -7.41
CA VAL C 151 -1.18 27.38 -8.24
C VAL C 151 -1.28 26.06 -8.95
N GLY C 152 -1.27 26.08 -10.27
CA GLY C 152 -1.49 24.86 -11.02
C GLY C 152 -2.30 25.15 -12.27
N GLU C 153 -3.01 24.12 -12.73
CA GLU C 153 -3.71 24.17 -14.03
C GLU C 153 -5.19 23.89 -13.84
N ILE C 154 -6.03 24.67 -14.50
N ILE C 154 -6.04 24.62 -14.54
CA ILE C 154 -7.48 24.47 -14.51
CA ILE C 154 -7.49 24.39 -14.46
C ILE C 154 -7.98 24.49 -15.95
C ILE C 154 -8.15 24.62 -15.82
N GLY C 155 -8.96 23.66 -16.23
CA GLY C 155 -9.65 23.72 -17.52
C GLY C 155 -10.99 23.03 -17.51
N ASP C 156 -11.62 22.93 -18.68
CA ASP C 156 -12.88 22.20 -18.86
C ASP C 156 -13.93 22.62 -17.84
N LEU C 157 -14.07 23.94 -17.69
CA LEU C 157 -15.02 24.48 -16.74
C LEU C 157 -16.36 24.81 -17.40
N TYR C 158 -17.43 24.32 -16.80
CA TYR C 158 -18.80 24.51 -17.24
C TYR C 158 -19.67 24.76 -16.01
N MET C 159 -20.64 25.66 -16.16
CA MET C 159 -21.62 25.89 -15.13
C MET C 159 -23.01 26.03 -15.75
N TRP C 160 -23.93 25.25 -15.21
CA TRP C 160 -25.32 25.16 -15.68
C TRP C 160 -26.26 25.67 -14.60
N ASP C 161 -27.38 26.28 -14.97
CA ASP C 161 -28.41 26.67 -13.99
C ASP C 161 -29.43 25.56 -13.66
N SER C 162 -28.99 24.30 -13.66
CA SER C 162 -29.81 23.18 -13.25
C SER C 162 -28.95 22.15 -12.57
N VAL C 163 -29.62 21.16 -11.99
CA VAL C 163 -28.94 20.03 -11.40
C VAL C 163 -28.81 18.92 -12.45
N LEU C 164 -27.60 18.69 -12.93
CA LEU C 164 -27.41 17.66 -13.95
C LEU C 164 -27.64 16.27 -13.37
N PRO C 165 -28.30 15.41 -14.15
CA PRO C 165 -28.37 14.02 -13.69
C PRO C 165 -27.04 13.30 -13.82
N PRO C 166 -26.88 12.19 -13.10
CA PRO C 166 -25.60 11.47 -13.11
C PRO C 166 -25.05 11.17 -14.51
N GLU C 167 -25.91 10.80 -15.46
CA GLU C 167 -25.41 10.45 -16.78
C GLU C 167 -24.69 11.63 -17.43
N ASN C 168 -25.17 12.84 -17.15
CA ASN C 168 -24.59 14.05 -17.74
C ASN C 168 -23.32 14.49 -17.01
N ILE C 169 -23.25 14.19 -15.71
CA ILE C 169 -22.02 14.38 -14.95
C ILE C 169 -20.95 13.44 -15.50
N LEU C 170 -21.29 12.17 -15.71
CA LEU C 170 -20.31 11.23 -16.27
C LEU C 170 -19.87 11.65 -17.67
N SER C 171 -20.79 12.15 -18.48
CA SER C 171 -20.42 12.65 -19.82
C SER C 171 -19.41 13.78 -19.74
N ALA C 172 -19.61 14.71 -18.81
CA ALA C 172 -18.64 15.77 -18.61
C ALA C 172 -17.25 15.21 -18.20
N TYR C 173 -17.25 14.28 -17.25
CA TYR C 173 -15.99 13.65 -16.82
C TYR C 173 -15.28 13.00 -18.00
N GLN C 174 -16.05 12.34 -18.86
CA GLN C 174 -15.48 11.63 -20.01
C GLN C 174 -15.08 12.55 -21.14
N GLY C 175 -15.45 13.83 -21.06
CA GLY C 175 -15.01 14.80 -22.02
C GLY C 175 -16.03 15.28 -23.03
N THR C 176 -17.30 14.89 -22.87
CA THR C 176 -18.37 15.38 -23.73
C THR C 176 -19.49 16.01 -22.90
N PRO C 177 -19.20 17.16 -22.29
CA PRO C 177 -20.21 17.86 -21.49
C PRO C 177 -21.34 18.43 -22.33
N LEU C 178 -22.54 18.42 -21.77
CA LEU C 178 -23.66 19.17 -22.33
C LEU C 178 -23.31 20.65 -22.40
N PRO C 179 -23.67 21.33 -23.49
CA PRO C 179 -23.46 22.78 -23.47
C PRO C 179 -24.09 23.45 -22.25
N ALA C 180 -23.37 24.44 -21.72
CA ALA C 180 -23.76 25.10 -20.48
C ALA C 180 -24.11 26.57 -20.68
N ASN C 181 -25.11 27.02 -19.91
CA ASN C 181 -25.68 28.35 -20.06
C ASN C 181 -25.20 29.45 -19.10
N ILE C 182 -24.43 29.12 -18.07
CA ILE C 182 -23.86 30.17 -17.22
C ILE C 182 -22.39 30.43 -17.57
N LEU C 183 -21.59 29.37 -17.61
CA LEU C 183 -20.21 29.41 -18.09
C LEU C 183 -19.95 28.18 -18.94
N ASP C 184 -19.21 28.36 -20.04
CA ASP C 184 -18.92 27.25 -20.96
C ASP C 184 -17.52 27.42 -21.54
N TRP C 185 -16.62 26.47 -21.25
CA TRP C 185 -15.22 26.51 -21.64
C TRP C 185 -15.00 26.69 -23.14
N GLN C 186 -15.98 26.20 -23.91
CA GLN C 186 -15.91 26.28 -25.37
C GLN C 186 -16.46 27.62 -25.93
N ALA C 187 -16.97 28.48 -25.05
CA ALA C 187 -17.48 29.80 -25.42
C ALA C 187 -17.41 30.72 -24.21
N LEU C 188 -16.17 30.98 -23.81
CA LEU C 188 -15.88 31.58 -22.52
C LEU C 188 -15.49 33.04 -22.73
N ASN C 189 -16.03 33.91 -21.87
CA ASN C 189 -15.60 35.27 -21.79
C ASN C 189 -14.84 35.49 -20.49
N TYR C 190 -13.60 35.93 -20.62
CA TYR C 190 -12.68 35.99 -19.47
C TYR C 190 -11.70 37.13 -19.60
N GLU C 191 -11.07 37.48 -18.47
CA GLU C 191 -10.02 38.47 -18.44
C GLU C 191 -8.86 37.93 -17.62
N ILE C 192 -7.68 37.85 -18.21
CA ILE C 192 -6.47 37.49 -17.49
C ILE C 192 -5.91 38.72 -16.81
N ARG C 193 -5.58 38.58 -15.53
CA ARG C 193 -4.93 39.67 -14.79
C ARG C 193 -3.67 39.11 -14.13
N GLY C 194 -2.52 39.61 -14.55
CA GLY C 194 -1.27 39.11 -14.01
C GLY C 194 -0.73 37.92 -14.79
N TYR C 195 0.00 37.08 -14.08
CA TYR C 195 0.72 35.99 -14.72
C TYR C 195 -0.14 34.74 -14.76
N VAL C 196 -0.86 34.59 -15.86
CA VAL C 196 -1.66 33.42 -16.15
C VAL C 196 -1.44 33.15 -17.62
N ILE C 197 -1.10 31.90 -17.95
CA ILE C 197 -0.75 31.51 -19.30
C ILE C 197 -1.69 30.40 -19.77
N ILE C 198 -2.22 30.55 -20.98
CA ILE C 198 -3.04 29.49 -21.57
C ILE C 198 -2.13 28.50 -22.31
N LYS C 199 -2.25 27.23 -21.96
CA LYS C 199 -1.45 26.17 -22.58
C LYS C 199 -2.33 25.00 -23.00
N PRO C 200 -1.85 24.20 -23.95
CA PRO C 200 -2.60 22.96 -24.18
C PRO C 200 -2.68 22.05 -22.95
N LEU C 201 -3.78 21.32 -22.87
CA LEU C 201 -4.01 20.32 -21.84
C LEU C 201 -3.25 19.07 -22.22
N VAL C 202 -2.33 18.62 -21.36
CA VAL C 202 -1.50 17.47 -21.68
C VAL C 202 -1.66 16.31 -20.69
N TRP C 203 -2.48 16.52 -19.66
CA TRP C 203 -2.58 15.57 -18.55
C TRP C 203 -3.89 14.81 -18.45
N VAL C 204 -4.74 14.96 -19.46
CA VAL C 204 -5.82 13.99 -19.68
C VAL C 204 -5.41 13.06 -20.82
N HIS D 1 -47.86 2.96 3.45
CA HIS D 1 -46.48 2.41 3.22
C HIS D 1 -45.99 2.65 1.80
N THR D 2 -44.70 2.92 1.71
CA THR D 2 -44.10 3.53 0.55
C THR D 2 -43.02 2.63 -0.04
N ASP D 3 -42.91 2.61 -1.37
CA ASP D 3 -41.89 1.82 -2.04
C ASP D 3 -40.68 2.69 -2.29
N LEU D 4 -39.61 2.47 -1.50
CA LEU D 4 -38.41 3.27 -1.67
C LEU D 4 -37.35 2.61 -2.55
N SER D 5 -37.74 1.61 -3.34
CA SER D 5 -36.81 1.06 -4.33
C SER D 5 -36.10 2.14 -5.08
N GLY D 6 -34.77 2.03 -5.12
CA GLY D 6 -33.94 2.95 -5.88
C GLY D 6 -33.67 4.29 -5.21
N LYS D 7 -34.09 4.41 -3.95
CA LYS D 7 -33.98 5.66 -3.21
C LYS D 7 -33.32 5.43 -1.86
N VAL D 8 -32.78 6.51 -1.30
CA VAL D 8 -32.15 6.53 0.03
C VAL D 8 -32.71 7.67 0.88
N PHE D 9 -32.58 7.55 2.19
CA PHE D 9 -32.69 8.68 3.11
C PHE D 9 -31.34 9.35 3.16
N VAL D 10 -31.34 10.67 3.00
CA VAL D 10 -30.15 11.48 3.18
C VAL D 10 -30.31 12.29 4.46
N PHE D 11 -29.39 12.05 5.39
CA PHE D 11 -29.26 12.82 6.63
C PHE D 11 -28.13 13.80 6.33
N PRO D 12 -28.47 15.02 5.90
CA PRO D 12 -27.44 15.84 5.25
C PRO D 12 -26.56 16.65 6.17
N ARG D 13 -26.82 16.58 7.46
CA ARG D 13 -26.07 17.37 8.43
C ARG D 13 -26.04 16.68 9.77
N GLU D 14 -25.02 17.02 10.55
CA GLU D 14 -24.95 16.59 11.93
C GLU D 14 -25.93 17.41 12.79
N SER D 15 -26.60 16.71 13.69
CA SER D 15 -27.61 17.31 14.58
C SER D 15 -27.90 16.34 15.70
N VAL D 16 -28.68 16.78 16.68
CA VAL D 16 -29.19 15.87 17.71
C VAL D 16 -30.69 15.69 17.54
N THR D 17 -31.26 16.12 16.41
CA THR D 17 -32.70 15.99 16.22
C THR D 17 -33.17 15.38 14.90
N ASP D 18 -32.37 15.41 13.85
CA ASP D 18 -32.82 14.86 12.58
C ASP D 18 -32.85 13.34 12.67
N HIS D 19 -33.98 12.74 12.27
CA HIS D 19 -34.11 11.30 12.35
C HIS D 19 -35.30 10.79 11.55
N VAL D 20 -35.32 9.49 11.33
CA VAL D 20 -36.47 8.79 10.74
C VAL D 20 -36.91 7.69 11.67
N ASN D 21 -38.19 7.65 11.98
CA ASN D 21 -38.78 6.55 12.71
C ASN D 21 -39.28 5.51 11.71
N LEU D 22 -38.96 4.26 11.99
CA LEU D 22 -39.45 3.13 11.21
C LEU D 22 -40.48 2.39 12.06
N ILE D 23 -41.63 2.14 11.45
CA ILE D 23 -42.75 1.53 12.15
C ILE D 23 -42.95 0.08 11.73
N THR D 24 -42.97 -0.81 12.71
CA THR D 24 -43.24 -2.21 12.50
C THR D 24 -44.29 -2.65 13.52
N PRO D 25 -45.18 -3.58 13.11
CA PRO D 25 -46.18 -4.04 14.08
C PRO D 25 -45.69 -5.15 15.00
N LEU D 26 -44.40 -5.44 14.96
CA LEU D 26 -43.84 -6.57 15.70
C LEU D 26 -44.25 -6.57 17.16
N GLU D 27 -44.94 -7.63 17.57
CA GLU D 27 -45.40 -7.77 18.96
C GLU D 27 -44.85 -8.99 19.68
N LYS D 28 -44.32 -9.94 18.94
CA LYS D 28 -43.83 -11.17 19.52
C LYS D 28 -42.32 -11.07 19.70
N PRO D 29 -41.81 -11.31 20.92
CA PRO D 29 -40.34 -11.22 21.08
C PRO D 29 -39.59 -12.08 20.09
N LEU D 30 -38.43 -11.60 19.66
CA LEU D 30 -37.70 -12.20 18.56
C LEU D 30 -36.69 -13.18 19.07
N GLN D 31 -36.70 -14.37 18.52
CA GLN D 31 -35.67 -15.37 18.77
C GLN D 31 -34.51 -15.25 17.78
N ASN D 32 -34.83 -14.86 16.55
CA ASN D 32 -33.88 -14.86 15.43
C ASN D 32 -34.17 -13.65 14.56
N PHE D 33 -33.16 -13.08 13.92
CA PHE D 33 -33.44 -12.06 12.92
C PHE D 33 -32.26 -11.90 11.99
N THR D 34 -32.55 -11.29 10.84
CA THR D 34 -31.52 -10.81 9.92
C THR D 34 -31.90 -9.39 9.52
N LEU D 35 -30.90 -8.52 9.46
CA LEU D 35 -31.09 -7.14 9.11
C LEU D 35 -30.05 -6.80 8.06
N CYS D 36 -30.48 -6.24 6.91
N CYS D 36 -30.46 -6.22 6.94
CA CYS D 36 -29.60 -5.87 5.80
CA CYS D 36 -29.49 -5.78 5.95
C CYS D 36 -29.89 -4.42 5.41
C CYS D 36 -29.87 -4.43 5.42
N PHE D 37 -28.85 -3.67 5.03
CA PHE D 37 -29.03 -2.33 4.50
C PHE D 37 -27.72 -1.88 3.86
N ARG D 38 -27.79 -0.78 3.12
CA ARG D 38 -26.63 -0.12 2.51
C ARG D 38 -26.47 1.26 3.14
N ALA D 39 -25.23 1.68 3.38
CA ALA D 39 -25.01 3.00 3.97
C ALA D 39 -23.75 3.63 3.36
N TYR D 40 -23.72 4.95 3.37
CA TYR D 40 -22.58 5.71 2.84
C TYR D 40 -22.41 6.97 3.68
N SER D 41 -21.27 7.05 4.37
CA SER D 41 -21.01 8.13 5.29
C SER D 41 -19.52 8.46 5.27
N ASP D 42 -19.16 9.73 5.44
CA ASP D 42 -17.75 10.06 5.61
C ASP D 42 -17.40 10.50 7.03
N LEU D 43 -18.22 10.09 7.99
CA LEU D 43 -17.87 10.25 9.40
C LEU D 43 -16.76 9.28 9.76
N SER D 44 -15.79 9.75 10.55
CA SER D 44 -14.85 8.78 11.14
C SER D 44 -15.04 8.53 12.64
N ARG D 45 -15.81 9.38 13.30
CA ARG D 45 -16.22 9.12 14.67
C ARG D 45 -17.22 7.95 14.67
N ALA D 46 -17.53 7.43 15.85
CA ALA D 46 -18.55 6.40 15.99
C ALA D 46 -19.93 6.93 15.65
N TYR D 47 -20.79 6.04 15.17
CA TYR D 47 -22.17 6.39 14.91
C TYR D 47 -23.11 5.19 14.92
N SER D 48 -24.37 5.46 15.24
CA SER D 48 -25.41 4.44 15.15
C SER D 48 -25.95 4.29 13.73
N LEU D 49 -26.02 3.05 13.27
CA LEU D 49 -26.62 2.73 11.98
C LEU D 49 -28.09 2.34 12.11
N PHE D 50 -28.45 1.59 13.15
CA PHE D 50 -29.81 1.08 13.34
C PHE D 50 -30.06 0.95 14.84
N SER D 51 -31.02 1.71 15.37
CA SER D 51 -31.26 1.81 16.81
C SER D 51 -32.67 1.29 17.12
N TYR D 52 -32.73 0.23 17.92
CA TYR D 52 -34.00 -0.43 18.28
C TYR D 52 -34.04 -0.54 19.81
N ASN D 53 -34.95 0.23 20.42
CA ASN D 53 -35.09 0.28 21.87
C ASN D 53 -36.50 -0.18 22.19
N THR D 54 -36.66 -0.79 23.36
CA THR D 54 -37.99 -1.20 23.79
C THR D 54 -38.24 -0.54 25.14
N GLN D 55 -39.46 -0.58 25.66
N GLN D 55 -39.45 -0.65 25.66
CA GLN D 55 -39.73 0.21 26.85
CA GLN D 55 -39.78 0.08 26.87
C GLN D 55 -38.90 -0.30 28.02
C GLN D 55 -38.90 -0.33 28.04
N GLY D 56 -38.23 0.65 28.65
CA GLY D 56 -37.32 0.38 29.76
C GLY D 56 -35.98 -0.21 29.35
N ARG D 57 -35.76 -0.43 28.05
CA ARG D 57 -34.57 -1.16 27.58
C ARG D 57 -33.78 -0.46 26.45
N ASP D 58 -32.67 0.14 26.86
CA ASP D 58 -31.76 0.84 25.95
C ASP D 58 -30.88 -0.21 25.24
N ASN D 59 -30.64 0.02 23.94
CA ASN D 59 -29.73 -0.81 23.17
C ASN D 59 -30.21 -2.25 23.12
N GLU D 60 -31.52 -2.40 22.95
CA GLU D 60 -32.14 -3.72 22.88
C GLU D 60 -31.68 -4.46 21.63
N LEU D 61 -31.54 -3.72 20.52
CA LEU D 61 -30.95 -4.24 19.27
C LEU D 61 -30.32 -3.02 18.62
N LEU D 62 -28.98 -2.97 18.53
CA LEU D 62 -28.32 -1.79 18.02
C LEU D 62 -27.16 -2.21 17.14
N VAL D 63 -27.09 -1.63 15.94
CA VAL D 63 -25.92 -1.77 15.06
C VAL D 63 -25.15 -0.45 15.10
N TYR D 64 -23.89 -0.51 15.53
CA TYR D 64 -23.13 0.69 15.88
C TYR D 64 -21.77 0.55 15.29
N LYS D 65 -21.35 1.56 14.52
CA LYS D 65 -20.02 1.52 13.96
C LYS D 65 -19.05 2.25 14.88
N GLU D 66 -18.05 1.53 15.40
CA GLU D 66 -17.15 2.06 16.43
C GLU D 66 -16.10 3.01 15.83
N ARG D 67 -15.64 2.66 14.63
CA ARG D 67 -14.57 3.34 13.91
C ARG D 67 -14.42 2.60 12.59
N VAL D 68 -13.61 3.12 11.67
CA VAL D 68 -13.37 2.39 10.44
C VAL D 68 -12.95 0.95 10.75
N GLY D 69 -13.61 0.02 10.07
CA GLY D 69 -13.29 -1.38 10.15
C GLY D 69 -13.80 -2.11 11.37
N GLU D 70 -14.68 -1.48 12.16
CA GLU D 70 -15.10 -2.12 13.41
C GLU D 70 -16.59 -1.91 13.63
N TYR D 71 -17.33 -2.99 13.70
CA TYR D 71 -18.79 -2.98 13.83
C TYR D 71 -19.23 -3.71 15.08
N SER D 72 -20.20 -3.11 15.78
CA SER D 72 -20.76 -3.74 16.97
C SER D 72 -22.24 -4.03 16.83
N LEU D 73 -22.64 -5.14 17.44
CA LEU D 73 -24.04 -5.46 17.62
C LEU D 73 -24.33 -5.54 19.11
N TYR D 74 -25.36 -4.82 19.54
CA TYR D 74 -25.90 -4.99 20.89
C TYR D 74 -27.20 -5.81 20.82
N ILE D 75 -27.30 -6.76 21.73
CA ILE D 75 -28.55 -7.48 21.98
C ILE D 75 -28.84 -7.35 23.48
N GLY D 76 -29.98 -6.77 23.83
CA GLY D 76 -30.33 -6.66 25.24
C GLY D 76 -29.24 -5.97 26.04
N ARG D 77 -28.67 -4.93 25.45
CA ARG D 77 -27.65 -4.09 26.08
C ARG D 77 -26.26 -4.72 26.24
N HIS D 78 -26.10 -5.97 25.79
CA HIS D 78 -24.79 -6.61 25.76
C HIS D 78 -24.24 -6.45 24.35
N LYS D 79 -22.92 -6.36 24.22
CA LYS D 79 -22.29 -6.06 22.94
C LYS D 79 -21.27 -7.12 22.51
N VAL D 80 -21.21 -7.33 21.20
CA VAL D 80 -20.07 -7.98 20.53
C VAL D 80 -19.58 -7.06 19.43
N THR D 81 -18.31 -7.25 19.05
CA THR D 81 -17.67 -6.40 18.06
C THR D 81 -16.82 -7.24 17.15
N SER D 82 -16.86 -6.95 15.86
N SER D 82 -16.87 -6.97 15.86
CA SER D 82 -16.01 -7.66 14.91
CA SER D 82 -16.01 -7.65 14.92
C SER D 82 -15.36 -6.68 13.94
C SER D 82 -15.36 -6.67 13.95
N LYS D 83 -14.22 -7.09 13.41
CA LYS D 83 -13.37 -6.24 12.58
C LYS D 83 -13.36 -6.69 11.12
N VAL D 84 -13.08 -5.74 10.22
CA VAL D 84 -12.99 -6.04 8.81
C VAL D 84 -12.04 -5.04 8.16
N ILE D 85 -11.36 -5.49 7.11
CA ILE D 85 -10.61 -4.59 6.26
C ILE D 85 -11.60 -3.82 5.38
N GLU D 86 -11.53 -2.49 5.42
CA GLU D 86 -12.39 -1.70 4.54
C GLU D 86 -11.72 -0.35 4.20
N LYS D 87 -12.17 0.22 3.10
CA LYS D 87 -11.72 1.52 2.67
C LYS D 87 -12.53 2.61 3.32
N PHE D 88 -12.00 3.81 3.30
CA PHE D 88 -12.68 4.96 3.90
C PHE D 88 -12.41 6.25 3.15
N PRO D 89 -13.47 6.98 2.77
CA PRO D 89 -14.89 6.64 2.86
C PRO D 89 -15.26 5.68 1.76
N ALA D 90 -16.30 4.90 1.98
CA ALA D 90 -16.76 4.00 0.96
C ALA D 90 -18.16 3.53 1.28
N PRO D 91 -18.98 3.35 0.25
CA PRO D 91 -20.27 2.71 0.53
C PRO D 91 -20.09 1.31 1.10
N VAL D 92 -21.07 0.88 1.89
CA VAL D 92 -21.00 -0.44 2.49
C VAL D 92 -22.36 -1.11 2.40
N HIS D 93 -22.35 -2.44 2.20
CA HIS D 93 -23.56 -3.22 2.37
C HIS D 93 -23.36 -4.12 3.57
N ILE D 94 -24.32 -4.04 4.50
CA ILE D 94 -24.17 -4.74 5.75
C ILE D 94 -25.36 -5.65 5.96
N CYS D 95 -25.09 -6.89 6.30
N CYS D 95 -25.08 -6.87 6.37
CA CYS D 95 -26.09 -7.78 6.84
CA CYS D 95 -26.09 -7.80 6.84
C CYS D 95 -25.60 -8.20 8.22
C CYS D 95 -25.65 -8.42 8.14
N VAL D 96 -26.52 -8.37 9.15
CA VAL D 96 -26.19 -8.96 10.42
C VAL D 96 -27.34 -9.86 10.86
N SER D 97 -26.98 -11.02 11.40
CA SER D 97 -27.98 -11.95 11.93
C SER D 97 -27.63 -12.34 13.35
N TRP D 98 -28.66 -12.74 14.10
CA TRP D 98 -28.48 -13.22 15.46
C TRP D 98 -29.53 -14.28 15.72
N GLU D 99 -29.12 -15.29 16.49
CA GLU D 99 -29.92 -16.49 16.74
C GLU D 99 -29.86 -16.76 18.24
N SER D 100 -31.00 -16.69 18.91
CA SER D 100 -31.05 -16.91 20.36
C SER D 100 -30.50 -18.27 20.81
N SER D 101 -30.83 -19.33 20.07
CA SER D 101 -30.51 -20.68 20.54
C SER D 101 -29.02 -20.93 20.75
N SER D 102 -28.20 -20.34 19.87
CA SER D 102 -26.76 -20.46 19.95
C SER D 102 -26.10 -19.17 20.47
N GLY D 103 -26.83 -18.06 20.43
CA GLY D 103 -26.31 -16.74 20.74
C GLY D 103 -25.45 -16.14 19.63
N ILE D 104 -25.30 -16.85 18.51
CA ILE D 104 -24.36 -16.44 17.48
C ILE D 104 -24.82 -15.21 16.71
N ALA D 105 -23.93 -14.22 16.61
CA ALA D 105 -24.12 -13.02 15.80
C ALA D 105 -23.13 -13.09 14.62
N GLU D 106 -23.63 -12.85 13.41
CA GLU D 106 -22.78 -12.86 12.23
C GLU D 106 -22.97 -11.59 11.41
N PHE D 107 -21.88 -10.85 11.20
CA PHE D 107 -21.89 -9.70 10.29
C PHE D 107 -21.38 -10.14 8.93
N TRP D 108 -21.99 -9.61 7.89
CA TRP D 108 -21.45 -9.71 6.53
C TRP D 108 -21.28 -8.29 6.02
N ILE D 109 -20.07 -7.99 5.53
CA ILE D 109 -19.76 -6.66 5.10
C ILE D 109 -19.31 -6.76 3.64
N ASN D 110 -20.06 -6.14 2.73
CA ASN D 110 -19.74 -6.25 1.31
C ASN D 110 -19.51 -7.70 0.90
N GLY D 111 -20.39 -8.57 1.39
CA GLY D 111 -20.36 -9.98 1.05
C GLY D 111 -19.28 -10.80 1.74
N THR D 112 -18.48 -10.18 2.60
CA THR D 112 -17.44 -10.88 3.35
C THR D 112 -17.97 -11.25 4.74
N PRO D 113 -17.94 -12.54 5.13
CA PRO D 113 -18.36 -12.84 6.51
C PRO D 113 -17.29 -12.49 7.51
N LEU D 114 -17.68 -11.79 8.57
CA LEU D 114 -16.78 -11.47 9.65
C LEU D 114 -16.70 -12.66 10.60
N VAL D 115 -15.72 -12.64 11.49
CA VAL D 115 -15.61 -13.67 12.52
C VAL D 115 -16.88 -13.67 13.37
N LYS D 116 -17.50 -14.84 13.53
CA LYS D 116 -18.69 -14.99 14.37
C LYS D 116 -18.38 -14.71 15.84
N LYS D 117 -19.31 -14.01 16.50
CA LYS D 117 -19.24 -13.80 17.94
C LYS D 117 -20.54 -14.28 18.54
N GLY D 118 -20.64 -14.27 19.87
CA GLY D 118 -21.84 -14.82 20.51
C GLY D 118 -22.18 -14.07 21.77
N LEU D 119 -23.49 -13.90 22.02
CA LEU D 119 -23.99 -13.20 23.18
C LEU D 119 -25.45 -13.55 23.38
N ARG D 120 -25.88 -13.44 24.62
CA ARG D 120 -27.31 -13.54 24.97
C ARG D 120 -27.94 -14.86 24.51
N GLN D 121 -27.20 -15.96 24.64
CA GLN D 121 -27.75 -17.26 24.32
C GLN D 121 -28.99 -17.51 25.20
N GLY D 122 -30.10 -17.84 24.55
CA GLY D 122 -31.35 -18.12 25.24
C GLY D 122 -32.26 -16.92 25.47
N TYR D 123 -31.77 -15.72 25.17
CA TYR D 123 -32.50 -14.47 25.37
C TYR D 123 -33.48 -14.25 24.21
N PHE D 124 -34.54 -13.48 24.46
CA PHE D 124 -35.46 -13.07 23.41
C PHE D 124 -35.45 -11.57 23.33
N VAL D 125 -35.17 -11.05 22.14
CA VAL D 125 -35.23 -9.62 21.90
C VAL D 125 -36.66 -9.14 22.09
N GLU D 126 -36.85 -8.15 22.94
CA GLU D 126 -38.20 -7.65 23.21
C GLU D 126 -38.81 -7.02 21.97
N ALA D 127 -40.14 -7.07 21.87
CA ALA D 127 -40.82 -6.48 20.74
C ALA D 127 -41.49 -5.14 21.11
N GLN D 128 -42.47 -4.71 20.30
CA GLN D 128 -43.00 -3.36 20.37
C GLN D 128 -41.89 -2.31 20.45
N PRO D 129 -40.99 -2.32 19.47
CA PRO D 129 -39.84 -1.40 19.49
C PRO D 129 -40.17 -0.01 18.97
N LYS D 130 -39.34 0.95 19.38
CA LYS D 130 -39.16 2.17 18.62
C LYS D 130 -37.85 1.97 17.83
N ILE D 131 -37.93 2.19 16.52
CA ILE D 131 -36.79 2.00 15.62
C ILE D 131 -36.45 3.34 14.99
N VAL D 132 -35.18 3.73 15.08
CA VAL D 132 -34.76 5.03 14.59
C VAL D 132 -33.52 4.90 13.72
N LEU D 133 -33.55 5.60 12.58
CA LEU D 133 -32.37 5.84 11.76
C LEU D 133 -31.95 7.29 11.95
N GLY D 134 -30.64 7.56 11.93
CA GLY D 134 -30.13 8.91 12.04
C GLY D 134 -29.67 9.37 13.41
N GLN D 135 -30.22 8.73 14.44
CA GLN D 135 -29.82 9.00 15.81
C GLN D 135 -29.81 7.69 16.60
N GLU D 136 -29.07 7.68 17.71
CA GLU D 136 -29.03 6.57 18.63
C GLU D 136 -29.94 6.91 19.81
N GLN D 137 -30.93 6.06 20.05
CA GLN D 137 -31.86 6.28 21.17
C GLN D 137 -31.25 5.84 22.48
N ASP D 138 -31.45 6.64 23.54
CA ASP D 138 -31.23 6.14 24.89
C ASP D 138 -32.57 5.93 25.65
N SER D 139 -33.68 6.46 25.11
CA SER D 139 -35.00 6.23 25.69
C SER D 139 -35.90 5.47 24.73
N TYR D 140 -37.18 5.32 25.07
CA TYR D 140 -38.14 4.69 24.17
C TYR D 140 -38.58 5.72 23.11
N GLY D 141 -37.74 5.85 22.08
CA GLY D 141 -37.98 6.79 20.99
C GLY D 141 -37.10 8.03 20.91
N GLY D 142 -36.35 8.33 21.98
CA GLY D 142 -35.63 9.59 22.07
C GLY D 142 -34.34 9.54 22.85
N LYS D 143 -34.01 10.68 23.45
CA LYS D 143 -32.74 10.90 24.18
C LYS D 143 -31.53 10.60 23.32
N PHE D 144 -31.40 11.42 22.29
CA PHE D 144 -30.36 11.28 21.28
C PHE D 144 -29.04 11.91 21.73
N ASP D 145 -28.00 11.76 20.92
CA ASP D 145 -26.63 12.17 21.27
C ASP D 145 -25.93 12.57 19.96
N ARG D 146 -25.65 13.86 19.82
CA ARG D 146 -25.07 14.39 18.58
C ARG D 146 -23.86 13.61 18.09
N SER D 147 -22.99 13.20 19.02
N SER D 147 -23.00 13.17 19.02
CA SER D 147 -21.78 12.47 18.68
CA SER D 147 -21.77 12.47 18.64
C SER D 147 -21.98 11.02 18.28
C SER D 147 -21.99 11.00 18.27
N GLN D 148 -23.24 10.57 18.27
CA GLN D 148 -23.63 9.23 17.77
C GLN D 148 -24.54 9.34 16.55
N SER D 149 -24.84 10.57 16.10
CA SER D 149 -25.74 10.76 14.98
C SER D 149 -25.12 10.22 13.68
N PHE D 150 -25.99 9.77 12.77
CA PHE D 150 -25.57 9.29 11.47
C PHE D 150 -25.76 10.41 10.46
N VAL D 151 -24.68 10.76 9.79
CA VAL D 151 -24.69 11.77 8.73
C VAL D 151 -24.27 11.04 7.48
N GLY D 152 -25.12 11.05 6.45
CA GLY D 152 -24.85 10.32 5.24
C GLY D 152 -26.12 9.72 4.68
N GLU D 153 -25.99 8.64 3.94
CA GLU D 153 -27.11 8.06 3.20
C GLU D 153 -27.33 6.61 3.59
N ILE D 154 -28.61 6.21 3.72
CA ILE D 154 -29.00 4.82 4.02
C ILE D 154 -30.14 4.38 3.11
N GLY D 155 -30.04 3.17 2.58
CA GLY D 155 -31.10 2.62 1.76
C GLY D 155 -31.13 1.10 1.78
N ASP D 156 -32.05 0.54 0.99
CA ASP D 156 -32.14 -0.90 0.80
C ASP D 156 -32.15 -1.67 2.11
N LEU D 157 -33.00 -1.23 3.02
CA LEU D 157 -33.11 -1.81 4.36
C LEU D 157 -34.23 -2.81 4.47
N TYR D 158 -33.87 -4.00 4.93
CA TYR D 158 -34.80 -5.11 5.09
C TYR D 158 -34.52 -5.84 6.39
N MET D 159 -35.55 -6.31 7.05
CA MET D 159 -35.37 -7.05 8.29
C MET D 159 -36.38 -8.18 8.36
N TRP D 160 -35.85 -9.38 8.61
CA TRP D 160 -36.59 -10.65 8.64
C TRP D 160 -36.57 -11.24 10.06
N ASP D 161 -37.61 -12.00 10.44
CA ASP D 161 -37.60 -12.67 11.74
C ASP D 161 -36.96 -14.06 11.70
N SER D 162 -36.00 -14.27 10.81
CA SER D 162 -35.24 -15.51 10.74
C SER D 162 -33.79 -15.24 10.37
N VAL D 163 -32.94 -16.25 10.52
CA VAL D 163 -31.56 -16.15 10.08
C VAL D 163 -31.48 -16.56 8.60
N LEU D 164 -31.13 -15.62 7.74
CA LEU D 164 -30.99 -15.92 6.32
C LEU D 164 -29.76 -16.78 6.09
N PRO D 165 -29.89 -17.82 5.25
CA PRO D 165 -28.66 -18.52 4.86
C PRO D 165 -27.77 -17.66 3.96
N PRO D 166 -26.48 -18.01 3.84
CA PRO D 166 -25.53 -17.19 3.07
C PRO D 166 -25.99 -16.86 1.65
N GLU D 167 -26.67 -17.79 0.99
CA GLU D 167 -27.06 -17.54 -0.39
C GLU D 167 -28.11 -16.42 -0.45
N ASN D 168 -28.94 -16.31 0.57
CA ASN D 168 -29.95 -15.24 0.63
C ASN D 168 -29.32 -13.90 1.00
N ILE D 169 -28.25 -13.97 1.79
CA ILE D 169 -27.51 -12.76 2.16
C ILE D 169 -26.84 -12.16 0.94
N LEU D 170 -26.25 -13.03 0.12
CA LEU D 170 -25.61 -12.56 -1.11
C LEU D 170 -26.66 -12.04 -2.10
N SER D 171 -27.86 -12.61 -2.07
CA SER D 171 -28.96 -12.09 -2.90
C SER D 171 -29.30 -10.65 -2.52
N ALA D 172 -29.37 -10.38 -1.22
CA ALA D 172 -29.60 -9.02 -0.76
C ALA D 172 -28.49 -8.11 -1.26
N TYR D 173 -27.25 -8.55 -1.02
CA TYR D 173 -26.08 -7.78 -1.43
C TYR D 173 -26.08 -7.48 -2.94
N GLN D 174 -26.56 -8.43 -3.73
CA GLN D 174 -26.60 -8.26 -5.20
C GLN D 174 -27.78 -7.39 -5.66
N GLY D 175 -28.82 -7.29 -4.83
CA GLY D 175 -29.96 -6.43 -5.14
C GLY D 175 -31.22 -7.20 -5.43
N THR D 176 -31.26 -8.46 -5.00
CA THR D 176 -32.46 -9.29 -5.13
C THR D 176 -32.85 -9.90 -3.79
N PRO D 177 -33.17 -9.04 -2.81
CA PRO D 177 -33.53 -9.51 -1.48
C PRO D 177 -34.85 -10.29 -1.46
N LEU D 178 -34.95 -11.29 -0.58
CA LEU D 178 -36.22 -11.92 -0.28
C LEU D 178 -37.16 -10.92 0.35
N PRO D 179 -38.48 -11.09 0.16
CA PRO D 179 -39.42 -10.26 0.94
C PRO D 179 -39.24 -10.48 2.45
N ALA D 180 -39.50 -9.42 3.21
CA ALA D 180 -39.07 -9.29 4.59
C ALA D 180 -40.23 -8.88 5.47
N ASN D 181 -40.43 -9.60 6.56
CA ASN D 181 -41.63 -9.48 7.35
C ASN D 181 -41.58 -8.54 8.55
N ILE D 182 -40.40 -8.01 8.87
CA ILE D 182 -40.34 -7.02 9.93
C ILE D 182 -40.25 -5.60 9.37
N LEU D 183 -39.29 -5.39 8.48
CA LEU D 183 -39.12 -4.13 7.75
C LEU D 183 -38.81 -4.42 6.31
N ASP D 184 -39.45 -3.67 5.41
CA ASP D 184 -39.23 -3.85 3.98
C ASP D 184 -39.18 -2.55 3.21
N TRP D 185 -38.03 -2.28 2.58
CA TRP D 185 -37.75 -1.03 1.88
C TRP D 185 -38.80 -0.76 0.80
N GLN D 186 -39.40 -1.83 0.28
CA GLN D 186 -40.37 -1.71 -0.82
C GLN D 186 -41.78 -1.47 -0.32
N ALA D 187 -41.93 -1.49 0.98
CA ALA D 187 -43.24 -1.25 1.64
C ALA D 187 -42.99 -0.74 3.07
N LEU D 188 -42.38 0.43 3.14
CA LEU D 188 -41.89 0.99 4.41
C LEU D 188 -42.87 2.00 4.99
N ASN D 189 -43.07 1.90 6.29
CA ASN D 189 -43.88 2.82 7.04
C ASN D 189 -42.93 3.63 7.90
N TYR D 190 -42.76 4.89 7.54
CA TYR D 190 -41.75 5.74 8.17
C TYR D 190 -42.26 7.12 8.49
N GLU D 191 -41.58 7.76 9.43
N GLU D 191 -41.57 7.78 9.41
CA GLU D 191 -41.83 9.15 9.77
CA GLU D 191 -41.88 9.17 9.76
C GLU D 191 -40.52 9.92 9.70
C GLU D 191 -40.60 10.02 9.83
N ILE D 192 -40.49 10.98 8.92
CA ILE D 192 -39.34 11.88 8.90
C ILE D 192 -39.52 12.97 9.94
N ARG D 193 -38.48 13.21 10.71
CA ARG D 193 -38.47 14.28 11.69
C ARG D 193 -37.23 15.11 11.48
N GLY D 194 -37.42 16.38 11.17
CA GLY D 194 -36.30 17.25 10.92
C GLY D 194 -35.80 17.16 9.50
N TYR D 195 -34.50 17.38 9.35
CA TYR D 195 -33.89 17.52 8.02
C TYR D 195 -33.41 16.16 7.51
N VAL D 196 -34.29 15.48 6.77
CA VAL D 196 -33.97 14.23 6.11
C VAL D 196 -34.65 14.32 4.75
N ILE D 197 -33.88 14.04 3.71
CA ILE D 197 -34.36 14.16 2.33
C ILE D 197 -34.28 12.81 1.63
N ILE D 198 -35.33 12.47 0.89
CA ILE D 198 -35.29 11.26 0.07
C ILE D 198 -34.76 11.60 -1.32
N LYS D 199 -33.71 10.88 -1.74
CA LYS D 199 -33.12 11.06 -3.06
C LYS D 199 -32.89 9.72 -3.76
N PRO D 200 -32.71 9.75 -5.09
CA PRO D 200 -32.28 8.53 -5.75
C PRO D 200 -30.92 8.05 -5.25
N LEU D 201 -30.77 6.73 -5.25
CA LEU D 201 -29.51 6.06 -4.94
C LEU D 201 -28.61 6.16 -6.16
N VAL D 202 -27.43 6.76 -6.00
CA VAL D 202 -26.53 6.93 -7.15
C VAL D 202 -25.16 6.27 -6.96
N TRP D 203 -24.95 5.61 -5.82
CA TRP D 203 -23.63 5.13 -5.44
C TRP D 203 -23.44 3.63 -5.38
N VAL D 204 -24.45 2.84 -5.70
CA VAL D 204 -24.22 1.41 -5.77
C VAL D 204 -23.54 1.03 -7.09
N HIS E 1 -17.26 -41.60 16.09
CA HIS E 1 -16.69 -40.24 16.00
C HIS E 1 -17.63 -39.33 15.24
N THR E 2 -17.21 -38.10 15.00
CA THR E 2 -18.06 -37.13 14.35
C THR E 2 -17.42 -36.60 13.08
N ASP E 3 -18.20 -36.54 12.00
CA ASP E 3 -17.69 -36.01 10.75
C ASP E 3 -18.03 -34.53 10.71
N LEU E 4 -17.00 -33.69 10.91
CA LEU E 4 -17.22 -32.24 10.93
C LEU E 4 -16.91 -31.57 9.58
N SER E 5 -16.86 -32.36 8.49
CA SER E 5 -16.78 -31.78 7.17
C SER E 5 -17.71 -30.60 7.00
N GLY E 6 -17.15 -29.48 6.53
CA GLY E 6 -17.97 -28.33 6.21
C GLY E 6 -18.40 -27.51 7.43
N LYS E 7 -17.85 -27.84 8.60
CA LYS E 7 -18.23 -27.18 9.85
C LYS E 7 -17.01 -26.71 10.60
N VAL E 8 -17.23 -25.77 11.51
CA VAL E 8 -16.19 -25.20 12.37
C VAL E 8 -16.65 -25.20 13.83
N PHE E 9 -15.69 -25.16 14.75
CA PHE E 9 -15.96 -24.76 16.11
C PHE E 9 -15.89 -23.24 16.16
N VAL E 10 -16.91 -22.62 16.75
CA VAL E 10 -16.91 -21.19 17.05
C VAL E 10 -16.76 -21.01 18.56
N PHE E 11 -15.66 -20.35 18.95
CA PHE E 11 -15.42 -19.88 20.32
C PHE E 11 -15.85 -18.42 20.33
N PRO E 12 -17.10 -18.16 20.75
CA PRO E 12 -17.70 -16.87 20.40
C PRO E 12 -17.38 -15.72 21.34
N ARG E 13 -16.64 -15.97 22.41
CA ARG E 13 -16.33 -14.92 23.36
C ARG E 13 -15.02 -15.23 24.05
N GLU E 14 -14.38 -14.18 24.56
CA GLU E 14 -13.23 -14.35 25.42
C GLU E 14 -13.66 -14.86 26.80
N SER E 15 -12.87 -15.79 27.32
CA SER E 15 -13.13 -16.42 28.60
C SER E 15 -11.89 -17.12 29.08
N VAL E 16 -11.95 -17.65 30.31
CA VAL E 16 -10.87 -18.49 30.80
C VAL E 16 -11.35 -19.92 31.01
N THR E 17 -12.55 -20.23 30.48
CA THR E 17 -13.16 -21.54 30.67
C THR E 17 -13.63 -22.26 29.40
N ASP E 18 -14.07 -21.52 28.38
CA ASP E 18 -14.60 -22.16 27.18
C ASP E 18 -13.48 -22.91 26.44
N HIS E 19 -13.69 -24.19 26.12
CA HIS E 19 -12.70 -24.95 25.38
C HIS E 19 -13.25 -26.22 24.77
N VAL E 20 -12.47 -26.80 23.87
CA VAL E 20 -12.75 -28.14 23.32
C VAL E 20 -11.61 -29.07 23.66
N ASN E 21 -11.93 -30.26 24.19
CA ASN E 21 -10.95 -31.31 24.36
C ASN E 21 -10.93 -32.18 23.13
N LEU E 22 -9.75 -32.43 22.58
CA LEU E 22 -9.60 -33.39 21.46
C LEU E 22 -9.00 -34.69 21.95
N ILE E 23 -9.60 -35.80 21.56
CA ILE E 23 -9.20 -37.12 22.05
C ILE E 23 -8.47 -37.90 20.97
N THR E 24 -7.24 -38.33 21.25
CA THR E 24 -6.50 -39.08 20.26
C THR E 24 -6.15 -40.47 20.80
N PRO E 25 -6.12 -41.46 19.89
CA PRO E 25 -5.67 -42.80 20.26
C PRO E 25 -4.15 -42.93 20.29
N LEU E 26 -3.46 -42.00 20.99
CA LEU E 26 -2.00 -41.87 20.90
C LEU E 26 -1.26 -42.37 22.12
N GLU E 27 -0.78 -43.60 22.04
CA GLU E 27 -0.11 -44.22 23.17
C GLU E 27 1.40 -44.21 23.02
N LYS E 28 1.89 -43.82 21.85
CA LYS E 28 3.31 -43.89 21.55
C LYS E 28 3.91 -42.49 21.42
N PRO E 29 5.10 -42.30 21.98
CA PRO E 29 5.74 -40.99 21.82
C PRO E 29 5.94 -40.66 20.35
N LEU E 30 5.85 -39.37 20.02
CA LEU E 30 5.90 -38.89 18.65
C LEU E 30 7.30 -38.48 18.28
N GLN E 31 7.82 -39.11 17.24
CA GLN E 31 9.09 -38.71 16.65
C GLN E 31 8.93 -37.68 15.54
N ASN E 32 7.79 -37.71 14.85
CA ASN E 32 7.52 -36.90 13.66
C ASN E 32 6.04 -36.54 13.70
N PHE E 33 5.65 -35.36 13.24
CA PHE E 33 4.23 -35.11 13.01
C PHE E 33 4.00 -33.99 12.02
N THR E 34 2.78 -33.95 11.47
CA THR E 34 2.29 -32.80 10.71
C THR E 34 0.89 -32.48 11.25
N LEU E 35 0.62 -31.19 11.46
CA LEU E 35 -0.67 -30.71 11.94
C LEU E 35 -1.15 -29.58 11.02
N CYS E 36 -2.37 -29.69 10.50
N CYS E 36 -2.36 -29.66 10.51
CA CYS E 36 -2.96 -28.68 9.62
CA CYS E 36 -2.89 -28.54 9.74
C CYS E 36 -4.32 -28.27 10.19
C CYS E 36 -4.33 -28.27 10.12
N PHE E 37 -4.71 -27.01 10.00
CA PHE E 37 -6.04 -26.55 10.37
C PHE E 37 -6.29 -25.19 9.76
N ARG E 38 -7.55 -24.79 9.73
CA ARG E 38 -7.91 -23.42 9.32
C ARG E 38 -8.42 -22.66 10.53
N ALA E 39 -8.10 -21.37 10.59
CA ALA E 39 -8.59 -20.54 11.70
C ALA E 39 -8.95 -19.15 11.22
N TYR E 40 -9.88 -18.51 11.93
CA TYR E 40 -10.34 -17.16 11.58
C TYR E 40 -10.64 -16.42 12.88
N SER E 41 -9.86 -15.38 13.18
CA SER E 41 -9.94 -14.64 14.44
C SER E 41 -9.61 -13.18 14.19
N ASP E 42 -10.24 -12.26 14.91
CA ASP E 42 -9.85 -10.87 14.83
C ASP E 42 -9.18 -10.37 16.12
N LEU E 43 -8.63 -11.30 16.91
CA LEU E 43 -7.75 -10.95 18.02
C LEU E 43 -6.42 -10.44 17.49
N SER E 44 -5.88 -9.41 18.12
N SER E 44 -5.92 -9.39 18.14
CA SER E 44 -4.52 -8.95 17.81
CA SER E 44 -4.60 -8.82 17.89
C SER E 44 -3.52 -9.25 18.93
C SER E 44 -3.57 -9.33 18.88
N ARG E 45 -4.01 -9.57 20.11
CA ARG E 45 -3.17 -10.10 21.16
C ARG E 45 -2.74 -11.54 20.83
N ALA E 46 -1.78 -12.05 21.59
CA ALA E 46 -1.32 -13.42 21.41
C ALA E 46 -2.42 -14.42 21.80
N TYR E 47 -2.37 -15.60 21.17
CA TYR E 47 -3.27 -16.66 21.55
C TYR E 47 -2.80 -18.03 21.13
N SER E 48 -3.26 -19.03 21.86
CA SER E 48 -2.99 -20.42 21.53
C SER E 48 -3.94 -20.99 20.49
N LEU E 49 -3.37 -21.61 19.46
CA LEU E 49 -4.17 -22.30 18.44
C LEU E 49 -4.37 -23.79 18.76
N PHE E 50 -3.34 -24.44 19.30
CA PHE E 50 -3.36 -25.89 19.54
C PHE E 50 -2.44 -26.18 20.69
N SER E 51 -3.01 -26.70 21.79
CA SER E 51 -2.29 -26.89 23.07
C SER E 51 -2.26 -28.36 23.42
N TYR E 52 -1.07 -28.93 23.50
CA TYR E 52 -0.87 -30.36 23.81
C TYR E 52 0.14 -30.46 24.96
N ASN E 53 -0.36 -30.93 26.11
CA ASN E 53 0.42 -31.04 27.34
C ASN E 53 0.39 -32.49 27.78
N THR E 54 1.47 -32.93 28.43
CA THR E 54 1.49 -34.27 29.01
C THR E 54 1.78 -34.11 30.49
N GLN E 55 1.66 -35.19 31.26
CA GLN E 55 1.85 -35.05 32.70
C GLN E 55 3.23 -34.51 33.07
N GLY E 56 3.25 -33.44 33.86
CA GLY E 56 4.48 -32.80 34.27
C GLY E 56 5.14 -31.95 33.21
N ARG E 57 4.51 -31.84 32.04
CA ARG E 57 5.14 -31.20 30.89
C ARG E 57 4.24 -30.18 30.17
N ASP E 58 4.47 -28.91 30.49
CA ASP E 58 3.76 -27.81 29.90
C ASP E 58 4.38 -27.51 28.52
N ASN E 59 3.52 -27.14 27.57
CA ASN E 59 3.96 -26.76 26.23
C ASN E 59 4.74 -27.88 25.56
N GLU E 60 4.25 -29.09 25.72
CA GLU E 60 4.92 -30.24 25.14
C GLU E 60 4.83 -30.22 23.62
N LEU E 61 3.70 -29.75 23.11
CA LEU E 61 3.53 -29.43 21.69
C LEU E 61 2.51 -28.28 21.63
N LEU E 62 2.93 -27.10 21.18
CA LEU E 62 2.06 -25.94 21.25
C LEU E 62 2.24 -25.07 20.02
N VAL E 63 1.13 -24.68 19.40
CA VAL E 63 1.13 -23.76 18.27
C VAL E 63 0.49 -22.47 18.79
N TYR E 64 1.28 -21.39 18.81
CA TYR E 64 0.92 -20.16 19.51
C TYR E 64 1.12 -19.00 18.55
N LYS E 65 0.10 -18.17 18.35
CA LYS E 65 0.28 -16.99 17.51
C LYS E 65 0.72 -15.81 18.38
N GLU E 66 1.92 -15.30 18.15
CA GLU E 66 2.47 -14.22 18.98
C GLU E 66 1.82 -12.84 18.72
N ARG E 67 1.53 -12.59 17.46
CA ARG E 67 1.03 -11.31 16.97
C ARG E 67 0.79 -11.49 15.49
N VAL E 68 0.16 -10.53 14.83
CA VAL E 68 -0.04 -10.63 13.40
C VAL E 68 1.31 -10.91 12.74
N GLY E 69 1.33 -11.92 11.89
CA GLY E 69 2.53 -12.28 11.12
C GLY E 69 3.59 -13.12 11.84
N GLU E 70 3.30 -13.67 13.01
CA GLU E 70 4.34 -14.34 13.78
C GLU E 70 3.75 -15.54 14.48
N TYR E 71 4.28 -16.71 14.16
CA TYR E 71 3.81 -17.98 14.68
C TYR E 71 4.93 -18.74 15.39
N SER E 72 4.60 -19.35 16.53
CA SER E 72 5.59 -20.11 17.28
C SER E 72 5.13 -21.54 17.46
N LEU E 73 6.12 -22.43 17.45
CA LEU E 73 5.93 -23.83 17.78
C LEU E 73 6.78 -24.14 19.01
N TYR E 74 6.16 -24.75 20.02
CA TYR E 74 6.91 -25.33 21.14
C TYR E 74 6.93 -26.84 21.02
N ILE E 75 8.11 -27.41 21.28
CA ILE E 75 8.32 -28.86 21.38
C ILE E 75 9.04 -29.08 22.72
N GLY E 76 8.45 -29.84 23.62
CA GLY E 76 9.07 -30.06 24.92
C GLY E 76 9.46 -28.79 25.66
N ARG E 77 8.60 -27.78 25.56
CA ARG E 77 8.77 -26.48 26.21
C ARG E 77 9.81 -25.55 25.57
N HIS E 78 10.51 -26.00 24.53
CA HIS E 78 11.42 -25.15 23.80
C HIS E 78 10.66 -24.54 22.63
N LYS E 79 11.02 -23.31 22.24
CA LYS E 79 10.26 -22.55 21.24
C LYS E 79 11.08 -22.19 20.01
N VAL E 80 10.45 -22.26 18.84
CA VAL E 80 10.91 -21.53 17.66
C VAL E 80 9.79 -20.64 17.13
N THR E 81 10.18 -19.60 16.38
CA THR E 81 9.23 -18.63 15.88
C THR E 81 9.56 -18.25 14.45
N SER E 82 8.53 -18.16 13.60
CA SER E 82 8.71 -17.77 12.21
C SER E 82 7.74 -16.67 11.81
N LYS E 83 8.16 -15.85 10.85
CA LYS E 83 7.37 -14.69 10.41
C LYS E 83 6.78 -14.87 9.00
N VAL E 84 5.69 -14.15 8.75
CA VAL E 84 5.03 -14.19 7.45
C VAL E 84 4.28 -12.88 7.22
N ILE E 85 4.17 -12.49 5.96
CA ILE E 85 3.32 -11.39 5.56
C ILE E 85 1.88 -11.92 5.51
N GLU E 86 0.99 -11.25 6.24
CA GLU E 86 -0.42 -11.61 6.16
C GLU E 86 -1.29 -10.39 6.41
N LYS E 87 -2.53 -10.49 5.95
CA LYS E 87 -3.53 -9.46 6.20
C LYS E 87 -4.23 -9.72 7.51
N PHE E 88 -4.86 -8.67 8.03
CA PHE E 88 -5.55 -8.76 9.31
C PHE E 88 -6.78 -7.88 9.30
N PRO E 89 -7.92 -8.44 9.70
CA PRO E 89 -8.19 -9.85 9.97
C PRO E 89 -8.32 -10.64 8.67
N ALA E 90 -7.98 -11.92 8.72
CA ALA E 90 -8.15 -12.78 7.56
C ALA E 90 -8.14 -14.25 7.96
N PRO E 91 -8.96 -15.06 7.27
CA PRO E 91 -8.82 -16.50 7.50
C PRO E 91 -7.42 -16.98 7.15
N VAL E 92 -6.99 -18.06 7.80
CA VAL E 92 -5.67 -18.59 7.52
C VAL E 92 -5.72 -20.11 7.48
N HIS E 93 -4.91 -20.71 6.62
CA HIS E 93 -4.69 -22.14 6.65
C HIS E 93 -3.26 -22.35 7.11
N ILE E 94 -3.11 -23.12 8.19
CA ILE E 94 -1.82 -23.34 8.82
C ILE E 94 -1.48 -24.83 8.83
N CYS E 95 -0.28 -25.16 8.35
N CYS E 95 -0.25 -25.13 8.42
CA CYS E 95 0.30 -26.47 8.55
CA CYS E 95 0.29 -26.47 8.57
C CYS E 95 1.63 -26.28 9.30
C CYS E 95 1.68 -26.36 9.19
N VAL E 96 1.95 -27.21 10.17
CA VAL E 96 3.24 -27.20 10.85
C VAL E 96 3.70 -28.65 10.97
N SER E 97 4.96 -28.91 10.64
CA SER E 97 5.54 -30.23 10.83
C SER E 97 6.81 -30.12 11.66
N TRP E 98 7.16 -31.21 12.32
CA TRP E 98 8.41 -31.29 13.06
C TRP E 98 8.90 -32.72 12.99
N GLU E 99 10.23 -32.87 12.97
CA GLU E 99 10.83 -34.20 12.98
C GLU E 99 12.04 -34.26 13.89
N SER E 100 12.05 -35.28 14.72
CA SER E 100 13.09 -35.47 15.71
C SER E 100 14.46 -35.67 15.11
N SER E 101 14.55 -36.40 13.99
CA SER E 101 15.86 -36.78 13.48
C SER E 101 16.74 -35.57 13.22
N SER E 102 16.15 -34.54 12.62
CA SER E 102 16.85 -33.30 12.29
C SER E 102 16.54 -32.13 13.23
N GLY E 103 15.43 -32.25 13.96
CA GLY E 103 14.91 -31.14 14.76
C GLY E 103 14.15 -30.08 13.97
N ILE E 104 14.04 -30.26 12.66
CA ILE E 104 13.51 -29.21 11.79
C ILE E 104 12.00 -29.06 11.95
N ALA E 105 11.57 -27.81 12.10
CA ALA E 105 10.17 -27.41 12.19
C ALA E 105 9.86 -26.54 11.00
N GLU E 106 8.71 -26.78 10.37
CA GLU E 106 8.33 -26.02 9.19
C GLU E 106 6.87 -25.62 9.29
N PHE E 107 6.61 -24.32 9.29
CA PHE E 107 5.26 -23.77 9.10
C PHE E 107 4.95 -23.52 7.63
N TRP E 108 3.70 -23.75 7.25
CA TRP E 108 3.18 -23.35 5.95
C TRP E 108 1.94 -22.52 6.22
N ILE E 109 1.88 -21.31 5.66
CA ILE E 109 0.78 -20.41 5.91
C ILE E 109 0.12 -20.11 4.57
N ASN E 110 -1.14 -20.52 4.40
CA ASN E 110 -1.84 -20.33 3.15
C ASN E 110 -1.03 -20.91 1.99
N GLY E 111 -0.46 -22.08 2.21
CA GLY E 111 0.31 -22.79 1.19
C GLY E 111 1.72 -22.27 0.94
N THR E 112 2.11 -21.24 1.68
CA THR E 112 3.46 -20.64 1.58
C THR E 112 4.39 -21.14 2.69
N PRO E 113 5.55 -21.71 2.33
CA PRO E 113 6.47 -22.18 3.37
C PRO E 113 7.19 -21.04 4.07
N LEU E 114 7.21 -21.07 5.40
CA LEU E 114 7.99 -20.12 6.16
C LEU E 114 9.44 -20.61 6.25
N VAL E 115 10.32 -19.75 6.74
CA VAL E 115 11.70 -20.18 6.96
C VAL E 115 11.76 -21.29 7.99
N LYS E 116 12.46 -22.37 7.68
CA LYS E 116 12.61 -23.49 8.60
C LYS E 116 13.43 -23.09 9.84
N LYS E 117 13.04 -23.65 11.00
CA LYS E 117 13.77 -23.46 12.25
C LYS E 117 13.99 -24.85 12.78
N GLY E 118 14.74 -24.96 13.89
CA GLY E 118 15.05 -26.27 14.42
C GLY E 118 15.21 -26.25 15.92
N LEU E 119 14.77 -27.34 16.53
CA LEU E 119 14.77 -27.51 17.98
C LEU E 119 14.58 -28.97 18.35
N ARG E 120 15.10 -29.32 19.51
CA ARG E 120 14.81 -30.62 20.12
C ARG E 120 15.21 -31.79 19.24
N GLN E 121 16.33 -31.67 18.53
CA GLN E 121 16.87 -32.78 17.76
C GLN E 121 17.11 -33.98 18.69
N GLY E 122 16.60 -35.13 18.30
CA GLY E 122 16.74 -36.35 19.10
C GLY E 122 15.66 -36.56 20.14
N TYR E 123 14.81 -35.56 20.36
CA TYR E 123 13.76 -35.61 21.38
C TYR E 123 12.53 -36.36 20.88
N PHE E 124 11.76 -36.97 21.79
CA PHE E 124 10.48 -37.55 21.42
C PHE E 124 9.37 -36.82 22.17
N VAL E 125 8.37 -36.32 21.45
CA VAL E 125 7.22 -35.70 22.11
C VAL E 125 6.48 -36.76 22.94
N GLU E 126 6.24 -36.48 24.21
CA GLU E 126 5.61 -37.48 25.09
C GLU E 126 4.20 -37.86 24.66
N ALA E 127 3.82 -39.08 25.04
CA ALA E 127 2.51 -39.62 24.71
C ALA E 127 1.50 -39.32 25.83
N GLN E 128 0.27 -39.78 25.62
CA GLN E 128 -0.83 -39.59 26.56
C GLN E 128 -1.09 -38.11 26.84
N PRO E 129 -1.30 -37.35 25.77
CA PRO E 129 -1.57 -35.93 25.98
C PRO E 129 -2.99 -35.60 26.38
N LYS E 130 -3.17 -34.39 26.91
CA LYS E 130 -4.43 -33.67 26.82
C LYS E 130 -4.25 -32.61 25.73
N ILE E 131 -5.20 -32.56 24.81
CA ILE E 131 -5.16 -31.65 23.69
C ILE E 131 -6.38 -30.72 23.76
N VAL E 132 -6.12 -29.41 23.73
CA VAL E 132 -7.16 -28.41 23.94
C VAL E 132 -7.12 -27.34 22.85
N LEU E 133 -8.30 -27.05 22.31
CA LEU E 133 -8.57 -25.86 21.48
C LEU E 133 -9.33 -24.83 22.31
N GLY E 134 -9.01 -23.56 22.10
CA GLY E 134 -9.71 -22.47 22.76
C GLY E 134 -9.05 -21.88 24.00
N GLN E 135 -8.17 -22.66 24.63
CA GLN E 135 -7.41 -22.21 25.79
C GLN E 135 -6.01 -22.79 25.72
N GLU E 136 -5.07 -22.15 26.41
CA GLU E 136 -3.71 -22.61 26.50
C GLU E 136 -3.56 -23.30 27.87
N GLN E 137 -3.19 -24.57 27.86
CA GLN E 137 -2.98 -25.30 29.10
C GLN E 137 -1.65 -24.97 29.75
N ASP E 138 -1.65 -24.76 31.07
CA ASP E 138 -0.40 -24.81 31.85
C ASP E 138 -0.29 -26.08 32.70
N SER E 139 -1.38 -26.83 32.84
CA SER E 139 -1.35 -28.11 33.55
C SER E 139 -1.80 -29.23 32.62
N TYR E 140 -1.93 -30.43 33.16
CA TYR E 140 -2.46 -31.55 32.39
C TYR E 140 -3.96 -31.41 32.30
N GLY E 141 -4.39 -30.65 31.31
CA GLY E 141 -5.79 -30.49 31.05
C GLY E 141 -6.36 -29.12 31.37
N GLY E 142 -5.62 -28.30 32.13
CA GLY E 142 -6.16 -27.04 32.63
C GLY E 142 -5.16 -25.93 32.89
N LYS E 143 -5.45 -25.14 33.93
CA LYS E 143 -4.71 -23.94 34.30
C LYS E 143 -4.61 -22.99 33.12
N PHE E 144 -5.77 -22.50 32.72
CA PHE E 144 -5.92 -21.62 31.58
C PHE E 144 -5.60 -20.15 31.91
N ASP E 145 -5.49 -19.33 30.87
CA ASP E 145 -5.09 -17.92 30.98
C ASP E 145 -5.90 -17.14 29.96
N ARG E 146 -6.80 -16.27 30.44
CA ARG E 146 -7.74 -15.57 29.57
C ARG E 146 -7.03 -14.84 28.42
N SER E 147 -5.86 -14.28 28.71
CA SER E 147 -5.16 -13.51 27.69
C SER E 147 -4.43 -14.37 26.63
N GLN E 148 -4.60 -15.69 26.73
CA GLN E 148 -4.11 -16.65 25.74
C GLN E 148 -5.24 -17.40 25.07
N SER E 149 -6.48 -17.09 25.45
CA SER E 149 -7.64 -17.79 24.89
C SER E 149 -7.83 -17.48 23.42
N PHE E 150 -8.40 -18.44 22.67
CA PHE E 150 -8.71 -18.23 21.28
C PHE E 150 -10.17 -17.87 21.12
N VAL E 151 -10.43 -16.77 20.45
CA VAL E 151 -11.77 -16.32 20.13
C VAL E 151 -11.86 -16.28 18.62
N GLY E 152 -12.84 -16.97 18.05
CA GLY E 152 -12.89 -17.12 16.62
C GLY E 152 -13.32 -18.52 16.21
N GLU E 153 -12.95 -18.89 14.98
CA GLU E 153 -13.43 -20.13 14.39
C GLU E 153 -12.24 -21.01 13.98
N ILE E 154 -12.36 -22.31 14.21
CA ILE E 154 -11.34 -23.28 13.79
C ILE E 154 -12.03 -24.43 13.09
N GLY E 155 -11.47 -24.85 11.97
CA GLY E 155 -11.97 -26.02 11.26
C GLY E 155 -10.89 -26.80 10.52
N ASP E 156 -11.32 -27.86 9.84
CA ASP E 156 -10.46 -28.60 8.93
C ASP E 156 -9.15 -29.01 9.59
N LEU E 157 -9.23 -29.53 10.80
CA LEU E 157 -8.03 -29.94 11.55
C LEU E 157 -7.68 -31.42 11.36
N TYR E 158 -6.42 -31.66 11.00
CA TYR E 158 -5.89 -33.01 10.75
C TYR E 158 -4.50 -33.11 11.35
N MET E 159 -4.17 -34.27 11.90
CA MET E 159 -2.82 -34.48 12.42
C MET E 159 -2.35 -35.88 12.08
N TRP E 160 -1.14 -35.96 11.54
CA TRP E 160 -0.52 -37.18 11.07
C TRP E 160 0.76 -37.48 11.84
N ASP E 161 1.11 -38.77 11.95
CA ASP E 161 2.34 -39.12 12.65
C ASP E 161 3.53 -39.21 11.71
N SER E 162 3.55 -38.40 10.67
CA SER E 162 4.69 -38.33 9.77
C SER E 162 4.83 -36.89 9.29
N VAL E 163 5.94 -36.61 8.61
CA VAL E 163 6.12 -35.32 7.99
C VAL E 163 5.60 -35.39 6.56
N LEU E 164 4.53 -34.64 6.29
CA LEU E 164 3.92 -34.62 4.97
C LEU E 164 4.83 -33.95 3.95
N PRO E 165 4.98 -34.56 2.77
CA PRO E 165 5.68 -33.81 1.72
C PRO E 165 4.83 -32.62 1.26
N PRO E 166 5.47 -31.63 0.64
CA PRO E 166 4.79 -30.39 0.23
C PRO E 166 3.52 -30.62 -0.58
N GLU E 167 3.50 -31.60 -1.47
CA GLU E 167 2.35 -31.73 -2.34
C GLU E 167 1.13 -32.19 -1.53
N ASN E 168 1.36 -32.92 -0.44
CA ASN E 168 0.27 -33.29 0.47
C ASN E 168 -0.17 -32.10 1.35
N ILE E 169 0.78 -31.25 1.74
CA ILE E 169 0.43 -30.03 2.47
C ILE E 169 -0.50 -29.19 1.60
N LEU E 170 -0.16 -29.07 0.32
CA LEU E 170 -0.95 -28.28 -0.60
C LEU E 170 -2.32 -28.93 -0.86
N SER E 171 -2.40 -30.25 -0.82
CA SER E 171 -3.69 -30.94 -0.92
C SER E 171 -4.59 -30.59 0.27
N ALA E 172 -4.02 -30.63 1.47
CA ALA E 172 -4.74 -30.18 2.65
C ALA E 172 -5.23 -28.74 2.47
N TYR E 173 -4.32 -27.84 2.09
CA TYR E 173 -4.68 -26.44 1.87
C TYR E 173 -5.86 -26.30 0.90
N GLN E 174 -5.89 -27.11 -0.14
CA GLN E 174 -6.90 -26.96 -1.18
C GLN E 174 -8.22 -27.66 -0.84
N GLY E 175 -8.23 -28.43 0.24
CA GLY E 175 -9.45 -29.06 0.69
C GLY E 175 -9.55 -30.56 0.41
N THR E 176 -8.44 -31.18 0.03
CA THR E 176 -8.40 -32.63 -0.15
C THR E 176 -7.25 -33.26 0.63
N PRO E 177 -7.31 -33.18 1.97
CA PRO E 177 -6.24 -33.78 2.77
C PRO E 177 -6.22 -35.31 2.68
N LEU E 178 -5.03 -35.90 2.83
CA LEU E 178 -4.93 -37.35 2.99
C LEU E 178 -5.49 -37.75 4.36
N PRO E 179 -6.04 -38.97 4.45
CA PRO E 179 -6.48 -39.50 5.76
C PRO E 179 -5.40 -39.39 6.82
N ALA E 180 -5.80 -39.07 8.05
CA ALA E 180 -4.90 -38.72 9.15
C ALA E 180 -5.12 -39.58 10.39
N ASN E 181 -4.04 -40.08 10.95
CA ASN E 181 -4.11 -41.10 11.98
C ASN E 181 -4.00 -40.63 13.44
N ILE E 182 -3.69 -39.35 13.69
CA ILE E 182 -3.69 -38.85 15.04
C ILE E 182 -4.98 -38.09 15.36
N LEU E 183 -5.33 -37.14 14.49
CA LEU E 183 -6.59 -36.40 14.58
C LEU E 183 -7.15 -36.24 13.18
N ASP E 184 -8.48 -36.40 13.02
CA ASP E 184 -9.08 -36.29 11.71
C ASP E 184 -10.45 -35.64 11.77
N TRP E 185 -10.61 -34.50 11.10
CA TRP E 185 -11.80 -33.67 11.18
C TRP E 185 -13.05 -34.43 10.71
N GLN E 186 -12.85 -35.40 9.82
CA GLN E 186 -13.96 -36.20 9.29
C GLN E 186 -14.34 -37.37 10.20
N ALA E 187 -13.56 -37.56 11.26
CA ALA E 187 -13.80 -38.62 12.23
C ALA E 187 -13.19 -38.20 13.57
N LEU E 188 -13.78 -37.15 14.15
CA LEU E 188 -13.17 -36.47 15.28
C LEU E 188 -13.84 -36.86 16.59
N ASN E 189 -13.03 -37.17 17.59
N ASN E 189 -12.99 -37.08 17.59
CA ASN E 189 -13.55 -37.36 18.93
CA ASN E 189 -13.41 -37.41 18.94
C ASN E 189 -13.16 -36.20 19.80
C ASN E 189 -13.13 -36.23 19.87
N TYR E 190 -14.18 -35.52 20.30
CA TYR E 190 -14.04 -34.27 21.01
C TYR E 190 -15.09 -34.10 22.10
N GLU E 191 -14.80 -33.16 23.02
CA GLU E 191 -15.76 -32.71 24.01
C GLU E 191 -15.80 -31.19 24.04
N ILE E 192 -17.00 -30.64 23.98
CA ILE E 192 -17.21 -29.22 24.18
C ILE E 192 -17.38 -28.95 25.68
N ARG E 193 -16.64 -27.96 26.17
CA ARG E 193 -16.76 -27.50 27.54
C ARG E 193 -17.03 -25.99 27.57
N GLY E 194 -18.19 -25.60 28.06
CA GLY E 194 -18.57 -24.20 28.05
C GLY E 194 -19.18 -23.77 26.72
N TYR E 195 -18.96 -22.50 26.38
CA TYR E 195 -19.61 -21.86 25.24
C TYR E 195 -18.77 -22.05 23.98
N VAL E 196 -19.04 -23.15 23.27
CA VAL E 196 -18.46 -23.42 21.97
C VAL E 196 -19.62 -23.96 21.12
N ILE E 197 -19.77 -23.40 19.93
CA ILE E 197 -20.88 -23.72 19.03
C ILE E 197 -20.34 -24.24 17.70
N ILE E 198 -20.97 -25.28 17.20
CA ILE E 198 -20.62 -25.76 15.89
C ILE E 198 -21.51 -25.11 14.82
N LYS E 199 -20.86 -24.56 13.79
CA LYS E 199 -21.57 -23.90 12.69
C LYS E 199 -20.97 -24.30 11.35
N PRO E 200 -21.75 -24.11 10.27
CA PRO E 200 -21.15 -24.31 8.95
C PRO E 200 -19.96 -23.36 8.71
N LEU E 201 -19.00 -23.84 7.94
CA LEU E 201 -17.89 -23.02 7.46
C LEU E 201 -18.37 -22.16 6.31
N VAL E 202 -18.27 -20.85 6.43
CA VAL E 202 -18.74 -19.97 5.37
C VAL E 202 -17.63 -19.09 4.79
N TRP E 203 -16.42 -19.21 5.31
CA TRP E 203 -15.34 -18.30 4.92
C TRP E 203 -14.26 -18.95 4.08
N VAL E 204 -14.39 -20.24 3.81
CA VAL E 204 -13.56 -20.88 2.80
C VAL E 204 -14.38 -21.09 1.53
C1 NAG F . 11.04 30.16 -28.89
C2 NAG F . 11.40 30.56 -30.33
C3 NAG F . 10.54 31.71 -30.86
C4 NAG F . 9.06 31.45 -30.62
C5 NAG F . 8.90 31.02 -29.15
C6 NAG F . 7.45 30.78 -28.73
C7 NAG F . 13.68 30.32 -31.09
C8 NAG F . 15.12 30.76 -30.97
N2 NAG F . 12.78 30.99 -30.39
O3 NAG F . 10.81 31.93 -32.24
O4 NAG F . 8.37 32.66 -30.85
O5 NAG F . 9.67 29.85 -28.88
O6 NAG F . 6.97 29.65 -29.41
O7 NAG F . 13.39 29.37 -31.81
C1 NAG F . 7.39 32.56 -31.90
C2 NAG F . 6.35 33.66 -31.74
C3 NAG F . 5.18 33.34 -32.67
C4 NAG F . 5.71 33.22 -34.10
C5 NAG F . 6.92 32.30 -34.20
C6 NAG F . 7.49 32.32 -35.62
C7 NAG F . 6.40 34.67 -29.53
C8 NAG F . 5.76 34.75 -28.17
N2 NAG F . 5.89 33.77 -30.37
O3 NAG F . 4.19 34.34 -32.59
O4 NAG F . 4.67 32.77 -34.95
O5 NAG F . 7.92 32.62 -33.23
O6 NAG F . 8.90 32.36 -35.66
O7 NAG F . 7.36 35.40 -29.80
C1 NAG G . -35.05 -19.51 15.61
C2 NAG G . -36.44 -20.10 15.34
C3 NAG G . -36.56 -21.52 15.86
C4 NAG G . -35.37 -22.38 15.48
C5 NAG G . -34.06 -21.60 15.73
C6 NAG G . -32.85 -22.39 15.26
C7 NAG G . -38.56 -18.91 15.39
C8 NAG G . -39.56 -18.18 16.22
N2 NAG G . -37.47 -19.33 16.01
O3 NAG G . -37.75 -22.12 15.37
O4 NAG G . -35.41 -23.55 16.28
O5 NAG G . -34.09 -20.36 15.05
O6 NAG G . -32.88 -22.44 13.86
O7 NAG G . -38.77 -19.09 14.19
C1 NAG G . -35.33 -24.74 15.47
C2 NAG G . -34.97 -25.92 16.37
C3 NAG G . -34.73 -27.16 15.51
C4 NAG G . -35.95 -27.43 14.62
C5 NAG G . -36.39 -26.15 13.90
C6 NAG G . -37.76 -26.37 13.26
C7 NAG G . -33.86 -25.07 18.36
C8 NAG G . -32.58 -24.98 19.16
N2 NAG G . -33.79 -25.63 17.15
O3 NAG G . -34.44 -28.26 16.34
O4 NAG G . -35.67 -28.40 13.64
O5 NAG G . -36.51 -25.04 14.77
O6 NAG G . -38.74 -26.34 14.28
O7 NAG G . -34.90 -24.63 18.82
C1 BMA G . -35.65 -29.75 14.17
C2 BMA G . -36.31 -30.75 13.18
C3 BMA G . -36.36 -32.18 13.87
C4 BMA G . -34.96 -32.56 14.37
C5 BMA G . -34.39 -31.42 15.27
C6 BMA G . -32.98 -31.72 15.74
O2 BMA G . -35.50 -30.79 11.99
O3 BMA G . -37.02 -33.32 13.14
O4 BMA G . -35.03 -33.76 15.13
O5 BMA G . -34.37 -30.19 14.52
O6 BMA G . -32.62 -30.75 16.70
C1 MAN G . -37.72 -32.78 12.01
C2 MAN G . -38.95 -33.39 11.27
C3 MAN G . -39.75 -32.10 11.10
C4 MAN G . -38.76 -31.04 10.58
C5 MAN G . -37.50 -31.70 9.97
C6 MAN G . -36.56 -30.77 9.22
O2 MAN G . -39.76 -34.60 11.35
O3 MAN G . -40.21 -31.69 12.37
O4 MAN G . -39.38 -30.18 9.65
O5 MAN G . -36.82 -32.36 11.01
O6 MAN G . -35.56 -31.58 8.64
C1 NAG G . -40.26 -35.68 12.23
C2 NAG G . -41.54 -35.50 13.06
C3 NAG G . -41.63 -36.41 14.27
C4 NAG G . -41.29 -37.82 13.83
C5 NAG G . -39.85 -37.82 13.31
C6 NAG G . -39.35 -39.23 13.03
C7 NAG G . -42.34 -33.22 12.76
C8 NAG G . -42.80 -32.00 13.52
N2 NAG G . -41.66 -34.11 13.48
O3 NAG G . -42.95 -36.39 14.82
O4 NAG G . -41.56 -38.83 14.82
O5 NAG G . -39.87 -37.05 12.09
O6 NAG G . -38.41 -39.20 11.95
O7 NAG G . -42.57 -33.38 11.57
C1 GAL G . -42.36 -39.93 14.32
C2 GAL G . -41.92 -41.29 14.92
C3 GAL G . -42.85 -42.44 14.59
C4 GAL G . -44.29 -42.05 14.85
C5 GAL G . -44.51 -40.83 13.96
C6 GAL G . -46.00 -40.64 13.58
O2 GAL G . -40.64 -41.70 14.48
O3 GAL G . -42.51 -43.58 15.35
O4 GAL G . -44.48 -41.74 16.22
O5 GAL G . -43.78 -39.74 14.51
O6 GAL G . -46.88 -40.11 14.56
C1 SIA G . -47.75 -41.50 16.22
C2 SIA G . -48.04 -40.92 14.86
C3 SIA G . -48.89 -41.86 14.04
C4 SIA G . -50.32 -41.90 14.46
C5 SIA G . -50.91 -40.54 14.59
C6 SIA G . -50.01 -39.74 15.50
C7 SIA G . -50.47 -38.33 15.74
C8 SIA G . -49.41 -37.62 16.53
C9 SIA G . -49.75 -36.23 16.93
C10 SIA G . -53.42 -40.21 14.54
C11 SIA G . -54.73 -40.45 15.20
N5 SIA G . -52.23 -40.70 15.15
O1A SIA G . -47.18 -42.62 16.31
O1B SIA G . -48.02 -40.82 17.25
O4 SIA G . -51.02 -42.68 13.54
O6 SIA G . -48.72 -39.70 15.01
O7 SIA G . -50.72 -37.67 14.53
O8 SIA G . -49.19 -38.34 17.70
O9 SIA G . -50.73 -36.24 17.90
O10 SIA G . -53.36 -39.58 13.48
C1 MAN G . -31.20 -30.86 16.92
C2 MAN G . -30.85 -30.03 18.15
C3 MAN G . -31.35 -28.62 17.89
C4 MAN G . -30.65 -28.12 16.63
C5 MAN G . -30.92 -29.03 15.45
C6 MAN G . -30.16 -28.58 14.21
O2 MAN G . -29.45 -29.95 18.28
O3 MAN G . -31.06 -27.80 19.00
O4 MAN G . -31.15 -26.84 16.34
O5 MAN G . -30.51 -30.34 15.81
O6 MAN G . -30.17 -27.17 14.06
C1 NAG G . -29.07 -30.55 19.53
C2 NAG G . -27.57 -30.77 19.56
C3 NAG G . -27.13 -31.40 20.87
C4 NAG G . -27.70 -30.63 22.06
C5 NAG G . -29.20 -30.41 21.89
C6 NAG G . -29.77 -29.58 23.04
C7 NAG G . -26.56 -31.15 17.38
C8 NAG G . -26.54 -32.05 16.18
N2 NAG G . -27.18 -31.63 18.45
O3 NAG G . -25.69 -31.39 20.96
O4 NAG G . -27.46 -31.36 23.27
O5 NAG G . -29.45 -29.74 20.65
O6 NAG G . -30.95 -30.21 23.54
O7 NAG G . -26.06 -30.04 17.37
C1 GAL G . -26.62 -33.12 23.30
C2 GAL G . -26.75 -34.31 24.25
C3 GAL G . -25.80 -34.15 25.44
C4 GAL G . -24.40 -33.85 24.94
C5 GAL G . -24.44 -32.63 24.03
C6 GAL G . -23.06 -32.23 23.55
O2 GAL G . -28.07 -34.47 24.69
O3 GAL G . -25.80 -35.32 26.23
O4 GAL G . -23.90 -34.95 24.22
O5 GAL G . -25.27 -32.93 22.92
O6 GAL G . -22.60 -33.16 22.58
C1 SIA G . -20.39 -32.21 22.89
C2 SIA G . -21.21 -33.45 22.75
C3 SIA G . -20.87 -34.14 21.47
C4 SIA G . -19.59 -34.92 21.58
C5 SIA G . -19.62 -35.75 22.82
C6 SIA G . -19.85 -34.85 24.00
C7 SIA G . -19.81 -35.56 25.32
C8 SIA G . -19.96 -34.61 26.48
C9 SIA G . -19.34 -35.18 27.72
C10 SIA G . -18.23 -37.72 23.47
C11 SIA G . -16.88 -38.35 23.53
N5 SIA G . -18.35 -36.41 22.92
O1A SIA G . -20.65 -31.21 22.17
O1B SIA G . -19.44 -32.18 23.73
O4 SIA G . -19.44 -35.72 20.45
O6 SIA G . -21.06 -34.23 23.88
O7 SIA G . -20.83 -36.49 25.36
O8 SIA G . -19.37 -33.39 26.23
O9 SIA G . -18.05 -35.58 27.47
O10 SIA G . -19.20 -38.32 23.92
C ACT H . 45.65 -1.21 0.87
O ACT H . 44.58 -0.98 1.49
OXT ACT H . 46.71 -1.30 1.57
CH3 ACT H . 45.70 -1.40 -0.62
C ACT I . 47.22 -3.23 3.67
O ACT I . 46.02 -3.44 3.65
OXT ACT I . 47.70 -2.10 3.37
CH3 ACT I . 48.05 -4.39 3.97
N1 GHE J . 31.61 -5.32 10.21
C2 GHE J . 32.57 -6.17 9.58
C3 GHE J . 31.94 -6.68 8.38
C4 GHE J . 30.46 -6.59 8.66
C5 GHE J . 30.32 -5.45 9.60
C1 GHE J . 33.04 -7.31 10.40
O2 GHE J . 34.20 -7.77 10.14
O1 GHE J . 32.32 -7.82 11.31
C6 GHE J . 31.97 -4.38 11.26
O6 GHE J . 33.10 -4.36 11.68
C7 GHE J . 30.91 -3.48 11.82
C8 GHE J . 30.89 -3.43 13.32
C9 GHE J . 30.25 -4.70 13.94
C10 GHE J . 30.43 -4.75 15.39
C11 GHE J . 31.84 -5.10 15.81
O11 GHE J . 32.48 -6.05 15.28
N2 GHE J . 32.48 -4.31 16.81
C15 GHE J . 33.79 -4.58 17.29
C14 GHE J . 33.90 -3.79 18.54
C13 GHE J . 32.99 -2.63 18.33
C12 GHE J . 31.88 -3.21 17.48
C16 GHE J . 34.85 -4.20 16.34
O16 GHE J . 34.66 -3.35 15.44
O17 GHE J . 35.97 -4.75 16.44
C ACT K . 42.88 0.71 3.89
O ACT K . 43.14 0.28 5.03
OXT ACT K . 42.90 -0.16 3.02
CH3 ACT K . 42.54 2.15 3.56
CD CD L . 32.54 -9.77 12.50
CD CD M . 34.82 -9.91 9.54
CD CD N . 20.06 -12.39 18.80
CD CD O . 44.73 -1.51 3.76
CD CD P . 27.67 -9.03 18.61
C1 NAG Q . 39.31 -9.65 -15.61
C2 NAG Q . 40.23 -10.55 -16.44
C3 NAG Q . 41.12 -9.72 -17.35
C4 NAG Q . 40.26 -8.76 -18.17
C5 NAG Q . 39.42 -7.96 -17.18
C6 NAG Q . 38.64 -6.81 -17.82
C7 NAG Q . 41.20 -12.64 -15.61
C8 NAG Q . 42.29 -13.25 -14.80
N2 NAG Q . 41.11 -11.31 -15.56
O3 NAG Q . 41.90 -10.57 -18.17
O4 NAG Q . 41.10 -7.91 -18.93
O5 NAG Q . 38.56 -8.86 -16.51
O6 NAG Q . 37.60 -7.33 -18.62
O7 NAG Q . 40.43 -13.34 -16.28
C ACT R . 45.18 -0.61 6.58
O ACT R . 45.33 -1.72 6.05
OXT ACT R . 45.22 0.42 5.82
CH3 ACT R . 44.97 -0.50 8.04
CD CD S . 37.71 -17.51 22.28
CD CD T . 22.59 -10.06 20.48
CD CD U . 44.97 -14.36 11.75
N1 GHE V . 21.52 25.18 -4.03
C2 GHE V . 22.12 25.80 -5.19
C3 GHE V . 21.55 25.08 -6.32
C4 GHE V . 21.26 23.71 -5.76
C5 GHE V . 20.82 23.98 -4.38
C1 GHE V . 23.60 25.72 -5.34
O2 GHE V . 24.17 26.51 -6.17
O1 GHE V . 24.30 24.87 -4.71
C6 GHE V . 21.51 25.68 -2.69
O6 GHE V . 20.95 25.06 -1.81
C7 GHE V . 22.27 26.95 -2.43
C8 GHE V . 23.24 26.75 -1.28
C9 GHE V . 24.42 25.79 -1.59
C10 GHE V . 25.43 25.75 -0.53
C11 GHE V . 24.80 25.75 0.85
O11 GHE V . 23.88 24.94 1.22
N2 GHE V . 25.25 26.74 1.74
C15 GHE V . 26.28 27.68 1.44
C14 GHE V . 26.69 28.22 2.77
C13 GHE V . 25.53 27.97 3.69
C12 GHE V . 24.74 26.86 3.05
C16 GHE V . 25.86 28.81 0.59
O16 GHE V . 24.64 29.07 0.42
O17 GHE V . 26.73 29.52 0.03
C ACT W . 17.97 38.79 -10.94
O ACT W . 17.59 38.00 -10.05
OXT ACT W . 19.22 39.05 -10.95
CH3 ACT W . 16.95 39.34 -11.88
CD CD X . 25.52 26.08 -8.00
CD CD Y . 26.46 24.14 -4.94
CD CD Z . 27.68 11.89 2.21
CD CD AA . 19.12 38.18 -8.44
C1 SIA BA . 37.44 10.82 -22.00
C2 SIA BA . 38.33 10.57 -23.19
C3 SIA BA . 37.48 10.19 -24.39
C4 SIA BA . 36.62 11.37 -24.86
C5 SIA BA . 37.48 12.62 -25.04
C6 SIA BA . 38.30 12.88 -23.79
C7 SIA BA . 39.21 14.09 -23.98
C8 SIA BA . 40.02 14.38 -22.72
C9 SIA BA . 40.54 15.81 -22.71
C10 SIA BA . 36.64 14.35 -26.51
C11 SIA BA . 35.79 15.58 -26.65
N5 SIA BA . 36.63 13.75 -25.32
O1A SIA BA . 36.59 9.96 -21.69
O1B SIA BA . 37.58 11.89 -21.38
O2 SIA BA . 39.21 9.48 -22.89
O4 SIA BA . 35.99 11.04 -26.10
O6 SIA BA . 39.10 11.73 -23.49
O7 SIA BA . 40.11 13.85 -25.07
O8 SIA BA . 39.19 14.16 -21.56
O9 SIA BA . 41.44 15.99 -21.62
CD CD CA . 27.95 15.24 4.15
CD CD DA . 39.78 25.09 -2.87
CD CD EA . 11.74 38.59 -14.40
CD CD FA . -13.86 34.90 0.68
CD CD GA . -10.27 34.76 1.75
N1 GHE HA . -12.28 30.95 4.50
C2 GHE HA . -13.20 31.71 3.70
C3 GHE HA . -13.56 30.82 2.62
C4 GHE HA . -12.39 29.88 2.48
C5 GHE HA . -11.86 29.75 3.85
C1 GHE HA . -12.67 32.98 3.13
O2 GHE HA . -11.42 33.21 3.00
O1 GHE HA . -13.54 33.83 2.72
C6 GHE HA . -11.88 31.30 5.83
O6 GHE HA . -11.12 30.58 6.44
C7 GHE HA . -12.41 32.60 6.38
C8 GHE HA . -11.29 33.53 6.82
C9 GHE HA . -10.17 33.77 5.76
C10 GHE HA . -9.07 34.63 6.23
C11 GHE HA . -8.40 34.06 7.47
O11 GHE HA . -7.92 32.91 7.57
N2 GHE HA . -8.37 34.91 8.60
C15 GHE HA . -8.86 36.25 8.61
C14 GHE HA . -8.17 36.85 9.79
C13 GHE HA . -7.89 35.72 10.72
C12 GHE HA . -7.79 34.51 9.83
C16 GHE HA . -10.33 36.35 8.76
O16 GHE HA . -10.93 37.41 8.45
O17 GHE HA . -11.00 35.39 9.18
CD CD IA . -2.86 34.24 4.41
C1 NAG JA . -34.37 23.10 -9.44
C2 NAG JA . -35.57 23.58 -10.21
C3 NAG JA . -36.78 22.90 -9.60
C4 NAG JA . -36.48 21.54 -8.93
C5 NAG JA . -35.11 20.89 -9.26
C6 NAG JA . -35.18 19.62 -10.13
C7 NAG JA . -35.75 25.90 -11.03
C8 NAG JA . -36.20 27.27 -10.64
N2 NAG JA . -35.76 25.00 -10.05
O3 NAG JA . -37.75 22.75 -10.61
O4 NAG JA . -36.58 21.63 -7.52
O5 NAG JA . -34.15 21.78 -9.83
O6 NAG JA . -36.45 19.31 -10.69
O7 NAG JA . -35.41 25.68 -12.20
CD CD KA . 3.13 29.96 0.43
CD CD LA . 2.17 31.94 3.54
CD CD MA . -26.58 35.77 7.16
N1 GHE NA . -23.03 3.51 23.77
C2 GHE NA . -24.40 3.05 23.91
C3 GHE NA . -24.67 2.39 22.65
C4 GHE NA . -23.73 3.02 21.66
C5 GHE NA . -22.53 3.36 22.45
C1 GHE NA . -25.44 4.12 24.06
O2 GHE NA . -25.18 5.33 23.74
O1 GHE NA . -26.61 3.80 24.49
C6 GHE NA . -22.24 4.01 24.85
O6 GHE NA . -21.07 4.36 24.64
C7 GHE NA . -22.92 4.11 26.18
C8 GHE NA . -22.86 5.51 26.77
C9 GHE NA . -23.06 6.65 25.73
C10 GHE NA . -23.08 8.01 26.32
C11 GHE NA . -21.74 8.34 26.92
O11 GHE NA . -20.64 8.20 26.28
N2 GHE NA . -21.70 8.76 28.26
C15 GHE NA . -22.85 8.99 29.11
C14 GHE NA . -22.31 9.83 30.21
C13 GHE NA . -20.86 9.46 30.30
C12 GHE NA . -20.48 9.09 28.90
C16 GHE NA . -23.47 7.78 29.71
O16 GHE NA . -24.63 7.88 30.19
O17 GHE NA . -22.86 6.69 29.77
CD CD OA . -26.70 7.05 23.27
CD CD PA . -28.71 3.92 23.53
CD CD QA . -22.01 13.33 22.94
CD CD RA . -19.42 16.71 15.73
CD CD SA . -19.13 16.71 19.58
C ACT TA . -17.40 -34.02 32.61
O ACT TA . -17.01 -32.85 32.75
OXT ACT TA . -16.72 -34.97 33.06
CH3 ACT TA . -18.72 -34.25 31.93
N1 GHE UA . 3.97 -18.86 27.38
C2 GHE UA . 3.73 -20.28 27.47
C3 GHE UA . 3.29 -20.67 26.15
C4 GHE UA . 2.71 -19.42 25.55
C5 GHE UA . 3.55 -18.34 26.11
C1 GHE UA . 2.67 -20.66 28.45
O2 GHE UA . 1.74 -19.86 28.79
O1 GHE UA . 2.72 -21.82 28.96
C6 GHE UA . 4.60 -18.10 28.43
O6 GHE UA . 4.90 -18.63 29.47
C7 GHE UA . 4.83 -16.62 28.20
C8 GHE UA . 4.44 -15.78 29.40
C9 GHE UA . 2.90 -15.65 29.51
C10 GHE UA . 2.47 -15.03 30.77
C11 GHE UA . 2.61 -15.95 31.98
O11 GHE UA . 2.16 -17.11 31.98
N2 GHE UA . 3.29 -15.46 33.14
C15 GHE UA . 3.39 -16.26 34.32
C14 GHE UA . 3.71 -15.33 35.42
C13 GHE UA . 4.36 -14.16 34.76
C12 GHE UA . 3.86 -14.18 33.34
C16 GHE UA . 4.40 -17.33 34.23
O16 GHE UA . 5.38 -17.27 33.43
O17 GHE UA . 4.25 -18.33 34.94
CD CD VA . 1.27 -23.63 28.83
CD CD WA . -0.31 -20.35 29.77
CD CD XA . -14.59 -32.77 33.37
CD CD YA . -3.18 -13.26 31.58
CD CD ZA . -9.01 -9.37 26.97
C1 NAG AB . 10.34 -40.30 11.70
C2 NAG AB . 10.01 -41.78 11.65
C3 NAG AB . 11.24 -42.65 11.40
C4 NAG AB . 12.17 -42.05 10.34
C5 NAG AB . 12.26 -40.53 10.45
C6 NAG AB . 13.12 -39.93 9.34
C7 NAG AB . 8.34 -42.95 12.96
C8 NAG AB . 7.77 -43.23 14.32
N2 NAG AB . 9.40 -42.15 12.91
O3 NAG AB . 10.84 -43.93 10.98
O4 NAG AB . 13.46 -42.60 10.50
O5 NAG AB . 10.97 -39.96 10.47
O6 NAG AB . 12.63 -40.30 8.07
O7 NAG AB . 7.81 -43.43 11.96
C ACT BB . -15.64 -33.60 36.02
O ACT BB . -16.27 -34.38 35.26
OXT ACT BB . -14.74 -32.85 35.61
CH3 ACT BB . -15.87 -33.59 37.44
C ACT CB . -12.65 -34.73 33.23
O ACT CB . -12.28 -34.34 32.09
OXT ACT CB . -12.06 -34.20 34.22
CH3 ACT CB . -13.71 -35.78 33.38
CD CD DB . -6.62 -9.23 29.98
CD CD EB . -18.92 -0.75 27.60
CD CD FB . -12.39 -29.94 32.97
CD CD GB . -9.83 -29.78 35.16
#